data_3ZIM
#
_entry.id   3ZIM
#
_cell.length_a   59.340
_cell.length_b   135.027
_cell.length_c   142.921
_cell.angle_alpha   90.00
_cell.angle_beta   90.00
_cell.angle_gamma   90.00
#
_symmetry.space_group_name_H-M   'P 21 21 21'
#
loop_
_entity.id
_entity.type
_entity.pdbx_description
1 polymer 'PHOSPHATIDYLINOSITOL 4,5-BISPHOSPHATE 3-KINASE CATALYTIC SUBUNIT ALPHA ISOFORM'
2 non-polymer '1-[4-[[2-(1H-indazol-4-yl)-4-morpholin-4-yl-thieno[3,2-d]pyrimidin-6-yl]methyl]piperazin-1-yl]-6-methyl-hept-5-ene-1,4- dione'
3 water water
#
_entity_poly.entity_id   1
_entity_poly.type   'polypeptide(L)'
_entity_poly.pdbx_seq_one_letter_code
;NREEKILNREIGFAIGMPVCEFDMVKDPEVQDFRRNILNVCKEAVDLRDLNSPHSRAMYVYPPNVESSPELPKHIYNKLD
KGQIIVVIWVIVSPNNDKQKYTLKINHDCVPEQVIAEAIRKKTRSMLLSSEQLKLCVLEYQGKYILKVCGCDEYFLEKYP
LSQYKYIRSCIMLGRMPNLMLMAKESLYSQLPMDCFTMPSYSRRISTATPYMNGETSTKSLWVINSALRIKILCATYVNV
NIRDIDKIYVRTGIYHGGEPLCDNVNTQRVPCSNPRWNEWLNYDIYIPDLPRAARLCLSICSVKGRKGAKEEHCPLAWGN
INLFDYTDTLVSGKMALNLWPVPHGLEDLLNPIGVTGSNPNKETPCLELEFDWFSSVVKFPDMSVIEEHANWSVSREAGF
SYSHAGLSNRLARDNELRENDKEQLKAISTRDPLSEITEQEKDFLWSHRHYCVTIPEILPKLLLSVKWNSRDEVAQMYCL
VKDWPPIKPEQAMELLDCNYPDPMVRGFAVRCLEKYLTDDKLSQYLIQLVQVLKYEQYLDNLLVRFLLKKALTNQRIGHF
FFWHLKSEMHNKTVSQRFGLLLESYCRACGMYLKHLNRQVEAMEKLINLTDILKQEKKDETQKVQMKFLVEQMRRPDFMD
ALQGFLSPLNPAHQLGNLRLEECRIMSSAKRPLWLNWENPDIMSELLFQNNEIIFKNGDDLRQDMLTLQIIRIMENIWQN
QGLDLRMLPYGCLSIGDCVGLIEVVRNSHTIMQIQCKGGLKGALQFNSHTLHQWLKDKNKGEIYDAAIDLFTRSCAGYCV
ATFILGIGDRHNSNIMVKDDGQLFHIDFGHFLDHKKKKFGYKRERVPFVLTQDFLIVISKGAQECTKTREFERFQEMCYK
AYLAIRQHANLFINLFSMMLGSGMPELQSFDDIAYIRKTLALDKTEQEALEYFMKQMNDA
;
_entity_poly.pdbx_strand_id   A
#
# COMPACT_ATOMS: atom_id res chain seq x y z
N ASN A 1 9.28 -33.50 14.22
CA ASN A 1 10.72 -33.89 14.38
C ASN A 1 11.61 -32.67 14.60
N ARG A 2 12.71 -32.87 15.34
CA ARG A 2 13.68 -31.82 15.74
C ARG A 2 13.55 -30.45 15.05
N GLU A 3 13.79 -30.42 13.74
CA GLU A 3 13.83 -29.16 12.98
C GLU A 3 12.47 -28.48 12.86
N GLU A 4 11.38 -29.26 12.89
CA GLU A 4 10.01 -28.74 12.78
C GLU A 4 9.57 -27.96 14.02
N LYS A 5 9.86 -28.49 15.21
CA LYS A 5 9.52 -27.82 16.47
C LYS A 5 10.36 -26.55 16.69
N ILE A 6 11.62 -26.56 16.26
CA ILE A 6 12.47 -25.37 16.28
C ILE A 6 11.95 -24.34 15.28
N LEU A 7 11.52 -24.80 14.11
CA LEU A 7 10.97 -23.91 13.08
C LEU A 7 9.66 -23.26 13.52
N ASN A 8 8.84 -23.99 14.29
CA ASN A 8 7.60 -23.43 14.83
C ASN A 8 7.84 -22.30 15.83
N ARG A 9 8.78 -22.51 16.75
CA ARG A 9 9.19 -21.47 17.69
C ARG A 9 9.64 -20.20 16.95
N GLU A 10 10.43 -20.37 15.89
CA GLU A 10 10.90 -19.25 15.06
C GLU A 10 9.74 -18.48 14.44
N ILE A 11 8.84 -19.21 13.80
CA ILE A 11 7.62 -18.68 13.18
C ILE A 11 6.72 -17.99 14.22
N GLY A 12 6.57 -18.62 15.37
CA GLY A 12 5.82 -18.06 16.49
C GLY A 12 6.38 -16.76 17.01
N PHE A 13 7.71 -16.64 17.03
CA PHE A 13 8.38 -15.41 17.40
C PHE A 13 8.21 -14.34 16.32
N ALA A 14 8.26 -14.74 15.05
CA ALA A 14 8.13 -13.80 13.94
C ALA A 14 6.77 -13.09 13.95
N ILE A 15 5.70 -13.86 14.13
CA ILE A 15 4.32 -13.34 14.03
C ILE A 15 3.88 -12.64 15.31
N GLY A 16 4.14 -13.28 16.44
CA GLY A 16 3.68 -12.82 17.74
C GLY A 16 2.68 -13.75 18.41
N MET A 17 2.35 -14.85 17.74
CA MET A 17 1.47 -15.88 18.31
C MET A 17 2.04 -17.26 17.99
N PRO A 18 1.91 -18.22 18.92
CA PRO A 18 2.45 -19.54 18.63
C PRO A 18 1.62 -20.27 17.56
N VAL A 19 2.31 -21.03 16.71
CA VAL A 19 1.70 -21.80 15.60
C VAL A 19 0.54 -22.68 16.08
N CYS A 20 0.72 -23.35 17.22
CA CYS A 20 -0.28 -24.25 17.78
C CYS A 20 -1.66 -23.64 18.07
N GLU A 21 -1.76 -22.31 18.10
CA GLU A 21 -3.08 -21.64 18.10
C GLU A 21 -3.87 -21.96 16.84
N PHE A 22 -3.18 -22.00 15.71
CA PHE A 22 -3.81 -22.37 14.43
C PHE A 22 -4.19 -23.86 14.39
N ASP A 23 -3.42 -24.72 15.06
CA ASP A 23 -3.77 -26.14 15.21
C ASP A 23 -5.09 -26.33 15.96
N MET A 24 -5.37 -25.47 16.92
CA MET A 24 -6.61 -25.56 17.71
C MET A 24 -7.88 -25.06 16.99
N VAL A 25 -7.71 -24.31 15.89
CA VAL A 25 -8.86 -23.74 15.17
C VAL A 25 -9.63 -24.84 14.45
N LYS A 26 -10.83 -25.14 14.95
CA LYS A 26 -11.70 -26.17 14.38
C LYS A 26 -12.64 -25.51 13.36
N ASP A 27 -12.07 -25.13 12.22
CA ASP A 27 -12.79 -24.45 11.15
C ASP A 27 -12.22 -24.94 9.82
N PRO A 28 -13.00 -25.73 9.05
CA PRO A 28 -12.52 -26.32 7.80
C PRO A 28 -11.76 -25.36 6.89
N GLU A 29 -12.22 -24.10 6.80
CA GLU A 29 -11.59 -23.11 5.92
C GLU A 29 -10.16 -22.80 6.33
N VAL A 30 -9.94 -22.61 7.63
CA VAL A 30 -8.62 -22.27 8.17
C VAL A 30 -7.64 -23.42 7.94
N GLN A 31 -8.06 -24.63 8.30
CA GLN A 31 -7.25 -25.84 8.09
C GLN A 31 -7.00 -26.14 6.60
N ASP A 32 -8.01 -25.91 5.76
CA ASP A 32 -7.83 -26.04 4.31
C ASP A 32 -6.81 -25.01 3.80
N PHE A 33 -6.90 -23.77 4.30
CA PHE A 33 -6.00 -22.70 3.86
C PHE A 33 -4.54 -23.07 4.14
N ARG A 34 -4.26 -23.41 5.38
CA ARG A 34 -2.93 -23.86 5.79
C ARG A 34 -2.41 -24.97 4.87
N ARG A 35 -3.25 -25.97 4.62
CA ARG A 35 -2.90 -27.10 3.77
C ARG A 35 -2.73 -26.67 2.30
N ASN A 36 -3.75 -26.02 1.73
CA ASN A 36 -3.78 -25.71 0.29
C ASN A 36 -2.84 -24.58 -0.17
N ILE A 37 -2.53 -23.63 0.71
CA ILE A 37 -1.60 -22.55 0.37
C ILE A 37 -0.18 -23.07 0.10
N LEU A 38 0.15 -24.24 0.63
CA LEU A 38 1.48 -24.82 0.49
C LEU A 38 1.93 -25.12 -0.95
N ASN A 39 0.98 -25.20 -1.87
CA ASN A 39 1.29 -25.31 -3.31
C ASN A 39 2.02 -24.07 -3.84
N VAL A 40 1.65 -22.90 -3.33
CA VAL A 40 2.29 -21.63 -3.72
C VAL A 40 3.72 -21.56 -3.20
N CYS A 41 3.89 -21.88 -1.92
CA CYS A 41 5.21 -22.06 -1.29
C CYS A 41 6.13 -22.98 -2.10
N LYS A 42 5.59 -24.14 -2.48
CA LYS A 42 6.32 -25.13 -3.26
C LYS A 42 6.79 -24.56 -4.61
N GLU A 43 5.85 -23.98 -5.36
CA GLU A 43 6.15 -23.31 -6.65
C GLU A 43 7.23 -22.24 -6.53
N ALA A 44 7.12 -21.44 -5.47
CA ALA A 44 8.06 -20.34 -5.22
C ALA A 44 9.47 -20.84 -4.90
N VAL A 45 9.58 -21.84 -4.03
CA VAL A 45 10.87 -22.50 -3.73
C VAL A 45 11.51 -23.08 -4.99
N ASP A 46 10.74 -23.83 -5.76
CA ASP A 46 11.25 -24.51 -6.96
C ASP A 46 11.77 -23.52 -8.02
N LEU A 47 11.11 -22.37 -8.15
CA LEU A 47 11.58 -21.27 -9.01
C LEU A 47 12.94 -20.72 -8.56
N ARG A 48 13.10 -20.58 -7.25
CA ARG A 48 14.36 -20.14 -6.63
C ARG A 48 15.51 -21.13 -6.85
N ASP A 49 15.25 -22.41 -6.62
CA ASP A 49 16.27 -23.47 -6.77
C ASP A 49 16.45 -23.94 -8.23
N LEU A 50 15.89 -23.20 -9.19
CA LEU A 50 15.78 -23.63 -10.58
C LEU A 50 17.14 -23.55 -11.29
N ASN A 51 17.77 -22.39 -11.18
CA ASN A 51 19.09 -22.13 -11.78
C ASN A 51 20.06 -21.59 -10.73
N SER A 52 20.33 -22.41 -9.70
CA SER A 52 21.24 -22.02 -8.61
C SER A 52 22.67 -21.84 -9.11
N PRO A 53 23.46 -20.97 -8.44
CA PRO A 53 23.13 -20.07 -7.34
C PRO A 53 22.55 -18.71 -7.79
N HIS A 54 22.71 -18.37 -9.06
CA HIS A 54 22.25 -17.09 -9.64
C HIS A 54 20.76 -16.85 -9.50
N SER A 55 19.97 -17.91 -9.63
CA SER A 55 18.53 -17.85 -9.38
C SER A 55 18.21 -17.42 -7.95
N ARG A 56 18.98 -17.93 -6.99
CA ARG A 56 18.76 -17.66 -5.57
C ARG A 56 19.35 -16.32 -5.10
N ALA A 57 20.41 -15.87 -5.77
CA ALA A 57 20.96 -14.53 -5.53
C ALA A 57 19.98 -13.43 -5.93
N MET A 58 19.27 -13.62 -7.05
CA MET A 58 18.26 -12.65 -7.53
C MET A 58 16.96 -12.64 -6.69
N TYR A 59 16.67 -13.75 -6.01
CA TYR A 59 15.62 -13.78 -5.00
C TYR A 59 15.99 -12.88 -3.81
N VAL A 60 17.19 -13.10 -3.27
CA VAL A 60 17.66 -12.39 -2.08
C VAL A 60 18.03 -10.93 -2.39
N TYR A 61 18.70 -10.71 -3.51
CA TYR A 61 19.16 -9.38 -3.94
C TYR A 61 18.59 -9.06 -5.34
N PRO A 62 17.27 -8.79 -5.42
CA PRO A 62 16.64 -8.49 -6.71
C PRO A 62 17.05 -7.12 -7.23
N PRO A 63 17.16 -6.97 -8.56
CA PRO A 63 17.60 -5.70 -9.14
C PRO A 63 16.59 -4.59 -8.94
N ASN A 64 16.97 -3.57 -8.19
CA ASN A 64 16.11 -2.41 -7.93
C ASN A 64 16.16 -1.51 -9.16
N VAL A 65 15.15 -1.66 -10.02
CA VAL A 65 15.15 -1.07 -11.36
C VAL A 65 13.86 -0.32 -11.66
N GLU A 66 13.97 0.65 -12.56
CA GLU A 66 12.80 1.38 -13.07
C GLU A 66 12.08 0.49 -14.06
N SER A 67 10.78 0.71 -14.22
CA SER A 67 9.95 -0.11 -15.11
C SER A 67 10.31 0.02 -16.59
N SER A 68 10.80 1.20 -17.00
CA SER A 68 11.21 1.44 -18.39
C SER A 68 12.67 1.90 -18.49
N PRO A 69 13.37 1.52 -19.58
CA PRO A 69 14.73 2.01 -19.85
C PRO A 69 14.79 3.39 -20.51
N GLU A 70 13.65 3.95 -20.90
CA GLU A 70 13.60 5.26 -21.55
C GLU A 70 13.87 6.36 -20.51
N LEU A 71 14.84 7.23 -20.81
CA LEU A 71 15.13 8.39 -19.97
C LEU A 71 14.33 9.57 -20.50
N PRO A 72 13.57 10.28 -19.62
CA PRO A 72 12.98 11.56 -20.00
C PRO A 72 14.01 12.57 -20.52
N LYS A 73 13.60 13.41 -21.47
CA LYS A 73 14.50 14.28 -22.23
C LYS A 73 15.52 15.04 -21.38
N HIS A 74 15.07 15.56 -20.24
CA HIS A 74 15.95 16.32 -19.33
C HIS A 74 16.95 15.46 -18.58
N ILE A 75 16.63 14.18 -18.35
CA ILE A 75 17.55 13.26 -17.67
C ILE A 75 18.71 12.87 -18.60
N TYR A 76 18.38 12.63 -19.88
CA TYR A 76 19.41 12.38 -20.91
C TYR A 76 20.33 13.58 -21.14
N ASN A 77 19.79 14.80 -21.05
CA ASN A 77 20.59 16.04 -21.20
C ASN A 77 21.75 16.18 -20.21
N LYS A 78 21.58 15.64 -19.00
CA LYS A 78 22.62 15.68 -17.96
C LYS A 78 23.85 14.81 -18.28
N LEU A 79 23.69 13.82 -19.17
CA LEU A 79 24.82 13.01 -19.64
C LEU A 79 25.68 13.81 -20.63
N ASP A 80 26.96 13.43 -20.72
CA ASP A 80 27.89 14.02 -21.70
C ASP A 80 27.83 13.20 -22.99
N LYS A 81 26.98 13.65 -23.92
CA LYS A 81 26.69 12.94 -25.17
C LYS A 81 26.15 11.53 -24.91
N GLY A 82 25.20 11.43 -23.98
CA GLY A 82 24.59 10.15 -23.61
C GLY A 82 25.45 9.20 -22.81
N GLN A 83 26.57 9.69 -22.26
CA GLN A 83 27.53 8.86 -21.50
C GLN A 83 27.64 9.31 -20.05
N ILE A 84 27.58 8.35 -19.12
CA ILE A 84 27.69 8.60 -17.68
C ILE A 84 29.11 8.29 -17.20
N ILE A 85 29.59 9.07 -16.23
CA ILE A 85 30.87 8.81 -15.59
C ILE A 85 30.64 8.01 -14.31
N VAL A 86 31.16 6.78 -14.26
CA VAL A 86 31.01 5.88 -13.10
C VAL A 86 32.38 5.59 -12.48
N VAL A 87 32.42 5.48 -11.16
CA VAL A 87 33.63 5.07 -10.43
C VAL A 87 33.45 3.63 -9.94
N ILE A 88 34.44 2.78 -10.25
CA ILE A 88 34.40 1.36 -9.89
C ILE A 88 35.53 1.06 -8.91
N TRP A 89 35.15 0.50 -7.76
CA TRP A 89 36.07 0.23 -6.66
C TRP A 89 36.44 -1.23 -6.56
N VAL A 90 37.67 -1.52 -6.16
CA VAL A 90 38.15 -2.90 -5.94
C VAL A 90 38.91 -2.99 -4.60
N ILE A 91 38.49 -3.88 -3.71
CA ILE A 91 39.24 -4.22 -2.49
C ILE A 91 40.33 -5.24 -2.89
N VAL A 92 41.57 -4.79 -2.96
CA VAL A 92 42.65 -5.55 -3.61
C VAL A 92 43.47 -6.43 -2.68
N SER A 93 43.69 -5.97 -1.44
CA SER A 93 44.52 -6.67 -0.45
C SER A 93 43.67 -7.44 0.58
N PRO A 94 44.33 -8.23 1.46
CA PRO A 94 43.67 -8.66 2.71
C PRO A 94 43.54 -7.51 3.71
N ASN A 95 44.50 -6.56 3.68
CA ASN A 95 44.42 -5.31 4.44
C ASN A 95 43.28 -4.35 4.04
N ASN A 96 42.55 -4.70 2.96
CA ASN A 96 41.33 -4.00 2.53
C ASN A 96 41.60 -2.61 1.94
N ASP A 97 42.73 -2.47 1.23
CA ASP A 97 43.05 -1.24 0.50
C ASP A 97 42.08 -1.08 -0.67
N LYS A 98 41.54 0.14 -0.81
CA LYS A 98 40.54 0.45 -1.82
C LYS A 98 41.25 1.13 -2.99
N GLN A 99 41.00 0.64 -4.20
CA GLN A 99 41.52 1.24 -5.43
C GLN A 99 40.34 1.63 -6.32
N LYS A 100 40.28 2.90 -6.74
CA LYS A 100 39.19 3.40 -7.59
C LYS A 100 39.60 3.45 -9.07
N TYR A 101 38.66 3.08 -9.95
CA TYR A 101 38.83 3.18 -11.39
C TYR A 101 37.63 3.92 -11.98
N THR A 102 37.88 5.15 -12.47
CA THR A 102 36.83 6.01 -13.04
C THR A 102 36.65 5.69 -14.53
N LEU A 103 35.40 5.46 -14.93
CA LEU A 103 35.06 5.15 -16.32
C LEU A 103 34.09 6.18 -16.88
N LYS A 104 34.17 6.42 -18.19
CA LYS A 104 33.15 7.15 -18.94
C LYS A 104 32.52 6.16 -19.92
N ILE A 105 31.26 5.80 -19.66
CA ILE A 105 30.59 4.71 -20.38
C ILE A 105 29.17 5.11 -20.80
N ASN A 106 28.66 4.45 -21.84
CA ASN A 106 27.27 4.61 -22.29
C ASN A 106 26.28 4.33 -21.17
N HIS A 107 25.22 5.14 -21.07
CA HIS A 107 24.22 5.00 -20.01
C HIS A 107 23.43 3.72 -20.08
N ASP A 108 23.29 3.16 -21.28
CA ASP A 108 22.53 1.91 -21.51
C ASP A 108 23.40 0.64 -21.50
N CYS A 109 24.62 0.73 -20.96
CA CYS A 109 25.53 -0.42 -20.88
C CYS A 109 25.02 -1.49 -19.92
N VAL A 110 25.26 -2.74 -20.28
CA VAL A 110 24.94 -3.89 -19.44
C VAL A 110 26.02 -3.96 -18.35
N PRO A 111 25.70 -4.49 -17.16
CA PRO A 111 26.74 -4.62 -16.14
C PRO A 111 27.99 -5.37 -16.58
N GLU A 112 27.82 -6.49 -17.29
CA GLU A 112 28.98 -7.27 -17.76
C GLU A 112 29.95 -6.41 -18.60
N GLN A 113 29.40 -5.52 -19.43
CA GLN A 113 30.21 -4.59 -20.23
C GLN A 113 30.94 -3.58 -19.36
N VAL A 114 30.27 -3.09 -18.31
CA VAL A 114 30.88 -2.16 -17.34
C VAL A 114 32.01 -2.83 -16.56
N ILE A 115 31.86 -4.12 -16.26
CA ILE A 115 32.90 -4.93 -15.62
C ILE A 115 34.09 -5.17 -16.56
N ALA A 116 33.82 -5.36 -17.85
CA ALA A 116 34.87 -5.54 -18.86
C ALA A 116 35.79 -4.32 -18.95
N GLU A 117 35.19 -3.14 -19.08
CA GLU A 117 35.94 -1.88 -19.15
C GLU A 117 36.69 -1.54 -17.84
N ALA A 118 36.14 -1.95 -16.69
CA ALA A 118 36.81 -1.81 -15.40
C ALA A 118 38.09 -2.64 -15.34
N ILE A 119 38.03 -3.87 -15.86
CA ILE A 119 39.21 -4.73 -15.98
C ILE A 119 40.21 -4.18 -17.02
N ARG A 120 39.70 -3.57 -18.09
CA ARG A 120 40.55 -2.90 -19.09
C ARG A 120 41.38 -1.77 -18.47
N LYS A 121 40.75 -0.94 -17.65
CA LYS A 121 41.46 0.12 -16.93
C LYS A 121 42.40 -0.42 -15.85
N LYS A 122 42.00 -1.50 -15.18
CA LYS A 122 42.84 -2.15 -14.16
C LYS A 122 44.09 -2.79 -14.78
N THR A 123 43.92 -3.46 -15.92
CA THR A 123 45.02 -4.14 -16.61
C THR A 123 46.02 -3.20 -17.29
N ARG A 124 45.60 -1.99 -17.66
CA ARG A 124 46.45 -0.95 -18.29
C ARG A 124 47.79 -0.71 -17.56
N SER A 125 47.75 -0.72 -16.23
CA SER A 125 48.93 -0.57 -15.37
C SER A 125 50.05 -1.58 -15.66
N MET A 126 49.64 -2.83 -15.96
CA MET A 126 50.58 -3.92 -16.24
C MET A 126 51.09 -3.96 -17.70
N LEU A 127 50.26 -3.49 -18.64
CA LEU A 127 50.54 -3.57 -20.09
C LEU A 127 50.55 -5.01 -20.58
N GLU A 139 42.10 -11.05 -19.05
CA GLU A 139 41.93 -12.37 -18.46
C GLU A 139 40.95 -12.37 -17.28
N TYR A 140 40.37 -13.54 -16.99
CA TYR A 140 39.31 -13.72 -15.98
C TYR A 140 38.08 -12.84 -16.28
N GLN A 141 37.21 -13.34 -17.15
CA GLN A 141 36.17 -12.52 -17.79
C GLN A 141 34.98 -12.17 -16.88
N GLY A 142 33.97 -13.03 -16.81
CA GLY A 142 32.70 -12.74 -16.13
C GLY A 142 32.51 -13.53 -14.85
N LYS A 143 33.53 -13.55 -14.00
CA LYS A 143 33.46 -14.15 -12.66
C LYS A 143 33.25 -13.06 -11.61
N TYR A 144 32.57 -11.97 -11.99
CA TYR A 144 32.47 -10.76 -11.19
C TYR A 144 31.05 -10.16 -11.24
N ILE A 145 30.67 -9.50 -10.14
CA ILE A 145 29.36 -8.84 -10.00
C ILE A 145 29.54 -7.44 -9.42
N LEU A 146 28.63 -6.53 -9.74
CA LEU A 146 28.66 -5.15 -9.24
C LEU A 146 27.74 -4.99 -8.03
N LYS A 147 28.24 -4.26 -7.03
CA LYS A 147 27.53 -3.96 -5.81
C LYS A 147 27.55 -2.44 -5.64
N VAL A 148 26.47 -1.88 -5.11
CA VAL A 148 26.47 -0.46 -4.74
C VAL A 148 27.37 -0.32 -3.50
N CYS A 149 28.36 0.58 -3.55
CA CYS A 149 29.16 0.91 -2.37
C CYS A 149 28.24 1.42 -1.26
N GLY A 150 28.37 0.85 -0.06
CA GLY A 150 27.69 1.34 1.13
C GLY A 150 26.43 0.60 1.56
N CYS A 151 25.80 -0.13 0.62
CA CYS A 151 24.60 -0.93 0.94
C CYS A 151 24.58 -2.27 0.21
N ASP A 152 23.67 -3.15 0.63
CA ASP A 152 23.50 -4.48 0.03
C ASP A 152 22.50 -4.46 -1.12
N GLU A 153 22.87 -3.77 -2.19
CA GLU A 153 22.16 -3.81 -3.48
C GLU A 153 23.15 -4.22 -4.55
N TYR A 154 22.75 -5.17 -5.40
CA TYR A 154 23.61 -5.71 -6.45
C TYR A 154 22.99 -5.47 -7.82
N PHE A 155 23.83 -5.43 -8.85
CA PHE A 155 23.38 -5.32 -10.24
C PHE A 155 23.59 -6.67 -10.93
N LEU A 156 22.77 -7.63 -10.52
CA LEU A 156 22.91 -9.03 -10.97
C LEU A 156 22.35 -9.30 -12.37
N GLU A 157 21.36 -8.51 -12.78
CA GLU A 157 20.60 -8.76 -14.01
C GLU A 157 21.09 -7.86 -15.16
N LYS A 158 20.82 -8.30 -16.38
CA LYS A 158 21.33 -7.68 -17.62
C LYS A 158 20.60 -6.39 -18.06
N TYR A 159 20.09 -5.59 -17.13
CA TYR A 159 19.42 -4.33 -17.47
C TYR A 159 20.42 -3.26 -17.88
N PRO A 160 20.01 -2.32 -18.75
CA PRO A 160 20.87 -1.16 -19.00
C PRO A 160 21.12 -0.36 -17.72
N LEU A 161 22.37 0.09 -17.53
CA LEU A 161 22.85 0.65 -16.25
C LEU A 161 21.96 1.77 -15.72
N SER A 162 21.56 2.67 -16.60
CA SER A 162 20.62 3.77 -16.27
C SER A 162 19.29 3.30 -15.66
N GLN A 163 18.83 2.10 -16.03
CA GLN A 163 17.55 1.58 -15.55
C GLN A 163 17.57 1.21 -14.07
N TYR A 164 18.74 0.91 -13.52
CA TYR A 164 18.89 0.71 -12.08
C TYR A 164 18.60 2.03 -11.36
N LYS A 165 17.75 1.98 -10.34
CA LYS A 165 17.26 3.19 -9.65
C LYS A 165 18.41 4.05 -9.14
N TYR A 166 19.36 3.40 -8.44
CA TYR A 166 20.53 4.08 -7.89
C TYR A 166 21.29 4.90 -8.94
N ILE A 167 21.49 4.32 -10.12
CA ILE A 167 22.21 4.99 -11.21
C ILE A 167 21.36 6.11 -11.82
N ARG A 168 20.04 5.93 -11.88
CA ARG A 168 19.16 6.99 -12.36
C ARG A 168 19.10 8.18 -11.40
N SER A 169 19.01 7.86 -10.10
CA SER A 169 19.12 8.87 -9.04
C SER A 169 20.42 9.67 -9.17
N CYS A 170 21.55 8.99 -9.36
CA CYS A 170 22.85 9.65 -9.53
C CYS A 170 22.93 10.55 -10.77
N ILE A 171 22.17 10.22 -11.81
CA ILE A 171 22.05 11.06 -13.00
C ILE A 171 21.23 12.32 -12.68
N MET A 172 20.06 12.12 -12.07
CA MET A 172 19.14 13.21 -11.71
C MET A 172 19.77 14.20 -10.72
N LEU A 173 20.32 13.67 -9.64
CA LEU A 173 20.94 14.48 -8.58
C LEU A 173 22.34 15.02 -8.94
N GLY A 174 22.93 14.51 -10.01
CA GLY A 174 24.26 14.92 -10.46
C GLY A 174 25.41 14.24 -9.73
N ARG A 175 25.10 13.24 -8.91
CA ARG A 175 26.10 12.55 -8.08
C ARG A 175 26.94 11.59 -8.93
N MET A 176 28.16 11.33 -8.46
CA MET A 176 29.02 10.31 -9.07
C MET A 176 28.59 8.96 -8.50
N PRO A 177 28.15 8.01 -9.35
CA PRO A 177 27.82 6.69 -8.83
C PRO A 177 29.08 5.89 -8.51
N ASN A 178 29.14 5.38 -7.28
CA ASN A 178 30.26 4.57 -6.80
C ASN A 178 29.83 3.10 -6.65
N LEU A 179 30.33 2.25 -7.53
CA LEU A 179 30.02 0.82 -7.52
C LEU A 179 31.27 0.04 -7.10
N MET A 180 31.08 -1.12 -6.47
CA MET A 180 32.18 -2.00 -6.07
C MET A 180 32.18 -3.25 -6.94
N LEU A 181 33.35 -3.59 -7.49
CA LEU A 181 33.55 -4.84 -8.21
C LEU A 181 33.82 -5.94 -7.18
N MET A 182 33.20 -7.09 -7.37
CA MET A 182 33.17 -8.16 -6.37
C MET A 182 33.02 -9.51 -7.05
N ALA A 183 33.73 -10.52 -6.55
CA ALA A 183 33.74 -11.86 -7.16
C ALA A 183 32.42 -12.59 -6.87
N LYS A 184 31.89 -13.28 -7.89
CA LYS A 184 30.61 -14.02 -7.81
C LYS A 184 30.54 -14.97 -6.61
N GLU A 185 31.53 -15.85 -6.48
CA GLU A 185 31.51 -16.88 -5.43
C GLU A 185 31.62 -16.35 -3.99
N SER A 186 32.10 -15.11 -3.84
CA SER A 186 32.05 -14.41 -2.54
C SER A 186 30.60 -14.16 -2.12
N LEU A 187 29.78 -13.70 -3.06
CA LEU A 187 28.36 -13.47 -2.82
C LEU A 187 27.63 -14.79 -2.59
N TYR A 188 27.81 -15.74 -3.51
CA TYR A 188 27.05 -17.00 -3.50
C TYR A 188 27.35 -17.84 -2.26
N SER A 189 28.62 -17.81 -1.81
CA SER A 189 29.03 -18.37 -0.52
C SER A 189 28.14 -17.88 0.62
N GLN A 190 27.87 -16.57 0.65
CA GLN A 190 27.06 -15.96 1.70
C GLN A 190 25.60 -16.41 1.68
N LEU A 191 25.08 -16.75 0.50
CA LEU A 191 23.69 -17.20 0.33
C LEU A 191 23.52 -18.64 0.83
N PRO A 192 23.03 -18.84 2.07
CA PRO A 192 23.04 -20.18 2.64
C PRO A 192 21.88 -21.03 2.11
N MET A 193 22.13 -22.32 1.92
CA MET A 193 21.17 -23.23 1.28
C MET A 193 19.93 -23.48 2.14
N ASP A 194 18.90 -22.67 1.94
CA ASP A 194 17.62 -22.87 2.66
C ASP A 194 16.92 -24.16 2.20
N CYS A 195 16.01 -24.63 3.05
CA CYS A 195 15.49 -26.00 2.97
C CYS A 195 14.01 -26.05 3.33
N PHE A 196 13.15 -25.75 2.35
CA PHE A 196 11.71 -25.82 2.56
C PHE A 196 11.30 -27.26 2.87
N THR A 197 10.64 -27.44 4.01
CA THR A 197 10.09 -28.73 4.42
C THR A 197 8.58 -28.57 4.57
N MET A 198 7.85 -29.66 4.34
CA MET A 198 6.40 -29.67 4.44
C MET A 198 6.00 -30.02 5.87
N PRO A 199 5.07 -29.26 6.46
CA PRO A 199 4.72 -29.46 7.86
C PRO A 199 3.78 -30.65 8.13
N SER A 200 3.71 -31.07 9.39
CA SER A 200 2.88 -32.19 9.85
C SER A 200 1.42 -32.10 9.36
N TYR A 201 0.86 -30.90 9.38
CA TYR A 201 -0.53 -30.67 8.96
C TYR A 201 -0.79 -30.81 7.46
N SER A 202 0.25 -30.83 6.62
CA SER A 202 0.07 -30.89 5.17
C SER A 202 -0.58 -32.21 4.69
N ARG A 203 -0.33 -33.29 5.41
CA ARG A 203 -1.06 -34.55 5.22
C ARG A 203 -0.87 -35.49 6.42
N LYS A 219 -25.44 -32.77 -4.22
CA LYS A 219 -25.63 -31.33 -4.32
C LYS A 219 -26.77 -30.90 -5.28
N SER A 220 -27.19 -29.64 -5.18
CA SER A 220 -28.20 -29.03 -6.07
C SER A 220 -27.74 -27.64 -6.56
N LEU A 221 -28.51 -27.02 -7.47
CA LEU A 221 -28.12 -25.76 -8.15
C LEU A 221 -29.21 -24.66 -8.09
N TRP A 222 -29.37 -23.90 -9.19
CA TRP A 222 -30.55 -23.01 -9.43
C TRP A 222 -31.92 -23.69 -9.46
N VAL A 223 -32.00 -25.02 -9.46
CA VAL A 223 -33.28 -25.73 -9.39
C VAL A 223 -33.91 -25.65 -7.98
N ILE A 224 -34.22 -24.42 -7.55
CA ILE A 224 -34.76 -24.14 -6.21
C ILE A 224 -35.69 -22.92 -6.30
N ASN A 225 -36.98 -23.17 -6.56
CA ASN A 225 -38.00 -22.11 -6.63
C ASN A 225 -38.47 -21.73 -5.22
N SER A 226 -37.82 -20.73 -4.63
CA SER A 226 -38.21 -20.22 -3.32
C SER A 226 -37.59 -18.85 -3.00
N ALA A 227 -38.29 -18.06 -2.20
CA ALA A 227 -37.78 -16.80 -1.66
C ALA A 227 -36.92 -17.08 -0.41
N LEU A 228 -35.93 -16.24 -0.16
CA LEU A 228 -35.00 -16.44 0.95
C LEU A 228 -35.62 -16.07 2.29
N ARG A 229 -35.61 -17.02 3.24
CA ARG A 229 -35.89 -16.74 4.66
C ARG A 229 -34.60 -16.84 5.46
N ILE A 230 -34.56 -16.12 6.58
CA ILE A 230 -33.52 -16.28 7.60
C ILE A 230 -34.16 -16.18 8.99
N LYS A 231 -34.00 -17.23 9.81
CA LYS A 231 -34.48 -17.20 11.19
C LYS A 231 -33.49 -16.49 12.10
N ILE A 232 -34.03 -15.81 13.12
CA ILE A 232 -33.25 -15.18 14.17
C ILE A 232 -33.78 -15.72 15.50
N LEU A 233 -33.02 -16.62 16.12
CA LEU A 233 -33.49 -17.34 17.30
C LEU A 233 -33.47 -16.48 18.56
N CYS A 234 -32.28 -16.02 18.94
CA CYS A 234 -32.07 -15.31 20.21
C CYS A 234 -30.69 -14.62 20.24
N ALA A 235 -30.38 -13.95 21.35
CA ALA A 235 -29.04 -13.40 21.58
C ALA A 235 -28.60 -13.54 23.04
N THR A 236 -27.28 -13.56 23.25
CA THR A 236 -26.67 -13.62 24.59
C THR A 236 -25.51 -12.61 24.68
N TYR A 237 -25.08 -12.34 25.91
CA TYR A 237 -24.10 -11.29 26.21
C TYR A 237 -24.53 -9.90 25.70
N VAL A 238 -25.82 -9.61 25.85
CA VAL A 238 -26.39 -8.30 25.48
C VAL A 238 -26.47 -7.46 26.76
N ASN A 239 -25.29 -7.20 27.34
CA ASN A 239 -25.19 -6.54 28.64
C ASN A 239 -25.29 -5.03 28.47
N VAL A 240 -26.35 -4.43 29.02
CA VAL A 240 -26.60 -2.97 28.89
C VAL A 240 -27.25 -2.37 30.14
N ASN A 241 -27.19 -1.04 30.21
CA ASN A 241 -27.77 -0.26 31.31
C ASN A 241 -29.28 -0.46 31.49
N ASP A 246 -35.36 2.42 25.54
CA ASP A 246 -36.40 1.62 24.88
C ASP A 246 -36.06 0.11 24.89
N LYS A 247 -36.69 -0.67 24.00
CA LYS A 247 -36.42 -2.11 23.84
C LYS A 247 -35.25 -2.37 22.88
N ILE A 248 -35.01 -3.65 22.53
CA ILE A 248 -34.03 -4.03 21.48
C ILE A 248 -34.65 -4.82 20.33
N TYR A 249 -33.95 -4.83 19.20
CA TYR A 249 -34.34 -5.60 18.02
C TYR A 249 -33.14 -5.79 17.08
N VAL A 250 -33.16 -6.87 16.31
CA VAL A 250 -32.12 -7.13 15.31
C VAL A 250 -32.58 -6.58 13.96
N ARG A 251 -31.77 -5.67 13.39
CA ARG A 251 -31.99 -5.18 12.02
C ARG A 251 -31.08 -5.98 11.09
N THR A 252 -31.65 -6.47 9.99
CA THR A 252 -30.92 -7.29 9.02
C THR A 252 -31.03 -6.75 7.59
N GLY A 253 -30.12 -7.16 6.73
CA GLY A 253 -30.10 -6.75 5.32
C GLY A 253 -29.24 -7.66 4.47
N ILE A 254 -29.62 -7.84 3.21
CA ILE A 254 -28.89 -8.65 2.26
C ILE A 254 -28.16 -7.73 1.30
N TYR A 255 -26.84 -7.92 1.18
CA TYR A 255 -25.96 -6.98 0.47
C TYR A 255 -25.03 -7.65 -0.50
N HIS A 256 -24.56 -6.85 -1.45
CA HIS A 256 -23.53 -7.24 -2.39
C HIS A 256 -22.60 -6.07 -2.50
N GLY A 257 -21.49 -6.13 -1.77
CA GLY A 257 -20.57 -5.01 -1.66
C GLY A 257 -21.21 -3.97 -0.76
N GLY A 258 -21.21 -2.72 -1.20
CA GLY A 258 -21.95 -1.65 -0.53
C GLY A 258 -23.43 -1.55 -0.90
N GLU A 259 -23.84 -2.24 -1.97
CA GLU A 259 -25.18 -2.07 -2.55
C GLU A 259 -26.19 -3.08 -1.96
N PRO A 260 -27.38 -2.59 -1.54
CA PRO A 260 -28.41 -3.51 -1.05
C PRO A 260 -29.07 -4.24 -2.20
N LEU A 261 -28.92 -5.56 -2.22
CA LEU A 261 -29.56 -6.41 -3.23
C LEU A 261 -31.09 -6.35 -3.15
N CYS A 262 -31.63 -6.04 -1.97
CA CYS A 262 -33.06 -5.82 -1.79
C CYS A 262 -33.34 -4.96 -0.55
N ASP A 263 -34.62 -4.72 -0.25
CA ASP A 263 -35.02 -3.91 0.91
C ASP A 263 -34.64 -4.58 2.23
N ASN A 264 -34.10 -3.79 3.16
CA ASN A 264 -33.75 -4.27 4.49
C ASN A 264 -34.98 -4.70 5.29
N VAL A 265 -34.77 -5.58 6.28
CA VAL A 265 -35.86 -6.20 7.04
C VAL A 265 -35.49 -6.29 8.53
N ASN A 266 -36.48 -6.09 9.41
CA ASN A 266 -36.24 -5.99 10.86
C ASN A 266 -37.13 -6.93 11.68
N THR A 267 -36.58 -7.44 12.79
CA THR A 267 -37.38 -8.16 13.79
C THR A 267 -38.11 -7.15 14.68
N GLN A 268 -39.10 -7.65 15.43
CA GLN A 268 -39.91 -6.82 16.31
C GLN A 268 -39.14 -6.34 17.54
N ARG A 269 -39.62 -5.24 18.12
CA ARG A 269 -39.03 -4.67 19.34
C ARG A 269 -39.44 -5.52 20.55
N VAL A 270 -38.48 -6.20 21.15
CA VAL A 270 -38.72 -7.06 22.33
C VAL A 270 -37.75 -6.65 23.44
N PRO A 271 -38.19 -6.73 24.71
CA PRO A 271 -37.41 -6.26 25.88
C PRO A 271 -36.04 -6.93 26.03
N CYS A 272 -35.06 -6.15 26.50
CA CYS A 272 -33.66 -6.60 26.64
C CYS A 272 -33.42 -7.66 27.73
N SER A 273 -34.36 -7.80 28.66
CA SER A 273 -34.30 -8.86 29.68
C SER A 273 -34.42 -10.25 29.06
N ASN A 274 -35.37 -10.40 28.12
CA ASN A 274 -35.58 -11.64 27.38
C ASN A 274 -35.26 -11.44 25.88
N PRO A 275 -33.96 -11.52 25.51
CA PRO A 275 -33.57 -11.36 24.11
C PRO A 275 -33.79 -12.66 23.31
N ARG A 276 -35.06 -12.95 23.02
CA ARG A 276 -35.46 -14.15 22.26
C ARG A 276 -36.56 -13.77 21.27
N TRP A 277 -36.28 -13.95 19.98
CA TRP A 277 -37.20 -13.55 18.91
C TRP A 277 -37.94 -14.71 18.32
N ASN A 278 -37.19 -15.64 17.73
CA ASN A 278 -37.74 -16.74 16.90
C ASN A 278 -38.59 -16.18 15.75
N GLU A 279 -37.92 -15.75 14.68
CA GLU A 279 -38.56 -15.00 13.59
C GLU A 279 -37.95 -15.29 12.21
N TRP A 280 -38.72 -15.96 11.35
CA TRP A 280 -38.35 -16.12 9.95
C TRP A 280 -38.67 -14.85 9.21
N LEU A 281 -37.63 -14.11 8.80
CA LEU A 281 -37.80 -12.85 8.04
C LEU A 281 -37.69 -13.11 6.53
N ASN A 282 -38.71 -12.69 5.78
CA ASN A 282 -38.74 -12.85 4.32
C ASN A 282 -38.23 -11.60 3.62
N TYR A 283 -37.23 -11.78 2.75
CA TYR A 283 -36.62 -10.69 1.98
C TYR A 283 -37.20 -10.71 0.56
N ASP A 284 -36.87 -9.68 -0.21
CA ASP A 284 -37.34 -9.56 -1.61
C ASP A 284 -36.25 -10.04 -2.59
N ILE A 285 -35.86 -11.31 -2.45
CA ILE A 285 -34.90 -11.94 -3.39
C ILE A 285 -35.34 -13.37 -3.70
N TYR A 286 -35.37 -13.70 -4.98
CA TYR A 286 -35.48 -15.09 -5.40
C TYR A 286 -34.11 -15.72 -5.13
N ILE A 287 -34.10 -16.83 -4.39
CA ILE A 287 -32.85 -17.55 -4.05
C ILE A 287 -31.93 -17.78 -5.25
N PRO A 288 -32.48 -18.25 -6.41
CA PRO A 288 -31.66 -18.37 -7.63
C PRO A 288 -30.93 -17.11 -8.11
N ASP A 289 -31.44 -15.92 -7.77
CA ASP A 289 -30.79 -14.66 -8.15
C ASP A 289 -29.64 -14.19 -7.24
N LEU A 290 -29.54 -14.77 -6.02
CA LEU A 290 -28.48 -14.41 -5.06
C LEU A 290 -27.09 -14.56 -5.69
N PRO A 291 -26.35 -13.44 -5.86
CA PRO A 291 -25.05 -13.56 -6.50
C PRO A 291 -24.02 -14.24 -5.57
N ARG A 292 -22.83 -14.53 -6.11
CA ARG A 292 -21.85 -15.34 -5.40
C ARG A 292 -21.41 -14.68 -4.09
N ALA A 293 -21.12 -13.38 -4.15
CA ALA A 293 -20.64 -12.64 -2.97
C ALA A 293 -21.77 -12.03 -2.11
N ALA A 294 -22.97 -12.60 -2.17
CA ALA A 294 -24.09 -12.17 -1.34
C ALA A 294 -23.75 -12.27 0.14
N ARG A 295 -24.05 -11.22 0.91
CA ARG A 295 -23.73 -11.16 2.34
C ARG A 295 -24.96 -10.76 3.13
N LEU A 296 -25.22 -11.48 4.22
CA LEU A 296 -26.18 -11.04 5.24
C LEU A 296 -25.45 -10.06 6.15
N CYS A 297 -26.02 -8.87 6.34
CA CYS A 297 -25.49 -7.86 7.26
C CYS A 297 -26.51 -7.63 8.36
N LEU A 298 -26.10 -7.85 9.61
CA LEU A 298 -26.98 -7.73 10.77
C LEU A 298 -26.43 -6.74 11.81
N SER A 299 -27.30 -6.32 12.72
CA SER A 299 -26.94 -5.45 13.85
C SER A 299 -28.05 -5.38 14.90
N ILE A 300 -27.69 -5.52 16.18
CA ILE A 300 -28.64 -5.37 17.30
C ILE A 300 -28.73 -3.89 17.64
N CYS A 301 -29.95 -3.33 17.60
CA CYS A 301 -30.17 -1.90 17.84
C CYS A 301 -31.14 -1.65 18.99
N SER A 302 -30.89 -0.59 19.77
CA SER A 302 -31.78 -0.19 20.87
C SER A 302 -33.01 0.51 20.32
N HIS A 313 -33.04 5.52 17.22
CA HIS A 313 -32.27 4.31 16.90
C HIS A 313 -30.81 4.47 17.21
N CYS A 314 -30.22 3.47 17.86
CA CYS A 314 -28.77 3.38 18.03
C CYS A 314 -28.31 1.94 17.80
N PRO A 315 -27.34 1.71 16.89
CA PRO A 315 -26.80 0.36 16.73
C PRO A 315 -25.85 0.01 17.87
N LEU A 316 -26.18 -1.03 18.64
CA LEU A 316 -25.37 -1.46 19.80
C LEU A 316 -24.12 -2.22 19.33
N ALA A 317 -24.34 -3.26 18.52
CA ALA A 317 -23.26 -4.05 17.90
C ALA A 317 -23.67 -4.49 16.50
N TRP A 318 -22.72 -5.07 15.75
CA TRP A 318 -22.96 -5.50 14.37
C TRP A 318 -22.19 -6.74 13.98
N GLY A 319 -22.66 -7.37 12.91
CA GLY A 319 -21.98 -8.52 12.31
C GLY A 319 -22.47 -8.81 10.89
N ASN A 320 -21.58 -9.30 10.04
CA ASN A 320 -21.89 -9.68 8.65
C ASN A 320 -21.45 -11.14 8.38
N ILE A 321 -22.23 -11.84 7.56
CA ILE A 321 -22.01 -13.26 7.23
C ILE A 321 -22.14 -13.47 5.73
N ASN A 322 -21.15 -14.13 5.11
CA ASN A 322 -21.28 -14.62 3.74
C ASN A 322 -22.38 -15.69 3.69
N LEU A 323 -23.34 -15.51 2.78
CA LEU A 323 -24.42 -16.49 2.59
C LEU A 323 -23.93 -17.77 1.89
N PHE A 324 -22.84 -17.67 1.15
CA PHE A 324 -22.16 -18.83 0.58
C PHE A 324 -20.83 -19.05 1.30
N ASP A 325 -20.44 -20.30 1.54
CA ASP A 325 -19.14 -20.62 2.15
C ASP A 325 -18.04 -20.72 1.09
N TYR A 326 -16.82 -20.99 1.53
CA TYR A 326 -15.65 -21.09 0.64
C TYR A 326 -15.70 -22.22 -0.41
N THR A 327 -16.53 -23.23 -0.18
CA THR A 327 -16.73 -24.34 -1.12
C THR A 327 -17.91 -24.13 -2.10
N ASP A 328 -18.33 -22.87 -2.29
CA ASP A 328 -19.52 -22.50 -3.09
C ASP A 328 -20.87 -22.95 -2.50
N THR A 329 -20.89 -23.48 -1.27
CA THR A 329 -22.10 -24.02 -0.66
C THR A 329 -22.92 -22.90 -0.05
N LEU A 330 -24.19 -22.81 -0.43
CA LEU A 330 -25.14 -21.93 0.26
C LEU A 330 -25.29 -22.46 1.68
N VAL A 331 -25.07 -21.60 2.66
CA VAL A 331 -24.96 -22.02 4.05
C VAL A 331 -26.36 -22.28 4.60
N SER A 332 -26.53 -23.42 5.25
CA SER A 332 -27.81 -23.86 5.78
C SER A 332 -27.70 -24.20 7.27
N GLY A 333 -28.85 -24.25 7.94
CA GLY A 333 -28.93 -24.70 9.33
C GLY A 333 -28.54 -23.65 10.36
N LYS A 334 -28.46 -24.10 11.62
CA LYS A 334 -28.22 -23.22 12.76
C LYS A 334 -26.78 -22.69 12.77
N MET A 335 -26.62 -21.44 13.20
CA MET A 335 -25.32 -20.75 13.21
C MET A 335 -25.27 -19.66 14.30
N ALA A 336 -24.09 -19.42 14.84
CA ALA A 336 -23.89 -18.44 15.93
C ALA A 336 -22.82 -17.43 15.53
N LEU A 337 -23.16 -16.15 15.61
CA LEU A 337 -22.25 -15.06 15.22
C LEU A 337 -21.97 -14.17 16.44
N ASN A 338 -20.69 -14.01 16.78
CA ASN A 338 -20.27 -13.06 17.81
C ASN A 338 -20.04 -11.72 17.16
N LEU A 339 -20.72 -10.69 17.67
CA LEU A 339 -20.79 -9.38 17.02
C LEU A 339 -19.66 -8.46 17.47
N TRP A 340 -19.46 -7.40 16.69
CA TRP A 340 -18.41 -6.40 16.91
C TRP A 340 -19.00 -5.15 17.44
N PRO A 341 -18.21 -4.33 18.18
CA PRO A 341 -18.70 -3.03 18.59
C PRO A 341 -18.77 -2.05 17.41
N VAL A 342 -19.65 -1.07 17.50
CA VAL A 342 -19.82 -0.10 16.41
C VAL A 342 -18.63 0.87 16.36
N PRO A 343 -18.11 1.18 15.15
CA PRO A 343 -17.09 2.22 15.06
C PRO A 343 -17.70 3.62 15.24
N HIS A 344 -16.87 4.58 15.67
CA HIS A 344 -17.33 5.95 15.94
C HIS A 344 -17.66 6.68 14.67
N GLY A 345 -18.83 7.31 14.64
CA GLY A 345 -19.30 8.08 13.48
C GLY A 345 -19.85 7.22 12.35
N LEU A 346 -20.59 6.16 12.72
CA LEU A 346 -21.28 5.29 11.75
C LEU A 346 -22.76 5.68 11.75
N GLU A 347 -23.22 6.21 10.62
CA GLU A 347 -24.58 6.79 10.51
C GLU A 347 -25.66 5.71 10.42
N ASP A 348 -25.54 4.83 9.42
CA ASP A 348 -26.53 3.77 9.19
C ASP A 348 -26.46 2.71 10.30
N LEU A 349 -27.59 2.06 10.56
CA LEU A 349 -27.68 1.04 11.62
C LEU A 349 -26.92 -0.26 11.29
N LEU A 350 -26.67 -0.52 10.01
CA LEU A 350 -25.83 -1.64 9.55
C LEU A 350 -24.41 -1.18 9.19
N ASN A 351 -23.52 -2.16 9.01
CA ASN A 351 -22.11 -1.90 8.64
C ASN A 351 -21.63 -2.81 7.51
N PRO A 352 -22.11 -2.56 6.27
CA PRO A 352 -21.76 -3.43 5.12
C PRO A 352 -20.34 -3.27 4.54
N ILE A 353 -19.67 -2.14 4.76
CA ILE A 353 -18.22 -2.04 4.52
C ILE A 353 -17.43 -2.75 5.63
N GLY A 354 -18.12 -3.08 6.73
CA GLY A 354 -17.56 -3.87 7.81
C GLY A 354 -17.07 -5.24 7.39
N VAL A 355 -16.02 -5.71 8.07
CA VAL A 355 -15.42 -7.00 7.82
C VAL A 355 -16.40 -8.11 8.17
N THR A 356 -16.38 -9.16 7.36
CA THR A 356 -17.27 -10.31 7.53
C THR A 356 -16.62 -11.27 8.51
N GLY A 357 -17.44 -12.04 9.24
CA GLY A 357 -16.95 -13.08 10.14
C GLY A 357 -17.19 -12.82 11.61
N SER A 358 -17.17 -13.90 12.39
CA SER A 358 -17.43 -13.85 13.82
C SER A 358 -16.25 -13.27 14.58
N ASN A 359 -16.56 -12.66 15.72
CA ASN A 359 -15.56 -12.02 16.57
C ASN A 359 -14.73 -13.10 17.27
N PRO A 360 -13.38 -12.96 17.24
CA PRO A 360 -12.50 -13.89 17.98
C PRO A 360 -12.80 -13.93 19.49
N ASN A 361 -12.99 -12.75 20.09
CA ASN A 361 -13.42 -12.65 21.48
C ASN A 361 -14.87 -13.09 21.58
N LYS A 362 -15.11 -14.19 22.29
CA LYS A 362 -16.46 -14.76 22.46
C LYS A 362 -17.16 -14.29 23.74
N GLU A 363 -16.65 -13.22 24.36
CA GLU A 363 -17.31 -12.55 25.50
C GLU A 363 -17.90 -11.22 25.01
N THR A 364 -18.63 -11.31 23.89
CA THR A 364 -19.23 -10.18 23.21
C THR A 364 -20.66 -10.58 22.83
N PRO A 365 -21.51 -9.61 22.42
CA PRO A 365 -22.88 -9.96 21.99
C PRO A 365 -22.93 -11.06 20.93
N CYS A 366 -23.49 -12.21 21.30
CA CYS A 366 -23.60 -13.36 20.41
C CYS A 366 -25.03 -13.48 19.90
N LEU A 367 -25.18 -13.76 18.62
CA LEU A 367 -26.48 -13.88 17.96
C LEU A 367 -26.63 -15.24 17.29
N GLU A 368 -27.65 -15.99 17.67
CA GLU A 368 -27.91 -17.32 17.12
C GLU A 368 -28.90 -17.24 15.96
N LEU A 369 -28.43 -17.52 14.75
CA LEU A 369 -29.27 -17.57 13.54
C LEU A 369 -29.60 -19.01 13.16
N GLU A 370 -30.54 -19.15 12.22
CA GLU A 370 -30.80 -20.42 11.53
C GLU A 370 -31.28 -20.12 10.11
N PHE A 371 -30.61 -20.72 9.12
CA PHE A 371 -30.99 -20.60 7.70
C PHE A 371 -31.88 -21.76 7.28
N ASP A 372 -32.40 -21.71 6.06
CA ASP A 372 -33.28 -22.77 5.52
C ASP A 372 -32.51 -24.07 5.22
N TRP A 373 -33.28 -25.17 5.14
CA TRP A 373 -32.77 -26.50 4.78
C TRP A 373 -33.62 -27.08 3.68
N PHE A 374 -32.99 -27.90 2.83
CA PHE A 374 -33.66 -28.54 1.69
C PHE A 374 -33.30 -30.03 1.63
N SER A 375 -33.65 -30.72 0.54
CA SER A 375 -33.38 -32.16 0.38
C SER A 375 -31.89 -32.55 0.23
N SER A 376 -31.02 -31.56 -0.02
CA SER A 376 -29.58 -31.79 -0.13
C SER A 376 -28.80 -30.51 0.19
N VAL A 377 -27.48 -30.57 0.08
CA VAL A 377 -26.65 -29.37 0.15
C VAL A 377 -26.91 -28.61 -1.17
N VAL A 378 -26.96 -27.28 -1.09
CA VAL A 378 -27.17 -26.43 -2.27
C VAL A 378 -25.85 -25.76 -2.62
N LYS A 379 -25.43 -25.87 -3.88
CA LYS A 379 -24.19 -25.28 -4.34
C LYS A 379 -24.45 -24.27 -5.47
N PHE A 380 -23.67 -23.19 -5.46
CA PHE A 380 -23.66 -22.22 -6.55
C PHE A 380 -23.20 -22.91 -7.85
N PRO A 381 -23.85 -22.65 -9.00
CA PRO A 381 -23.59 -23.44 -10.20
C PRO A 381 -22.22 -23.21 -10.85
N ASP A 382 -21.79 -24.19 -11.64
CA ASP A 382 -20.53 -24.14 -12.39
C ASP A 382 -20.58 -23.11 -13.51
N MET A 383 -19.40 -22.68 -13.98
CA MET A 383 -19.31 -21.76 -15.13
C MET A 383 -19.97 -22.31 -16.41
N SER A 384 -19.92 -23.62 -16.60
CA SER A 384 -20.54 -24.29 -17.76
C SER A 384 -22.06 -24.05 -17.82
N VAL A 385 -22.72 -24.17 -16.67
CA VAL A 385 -24.15 -23.84 -16.51
C VAL A 385 -24.40 -22.34 -16.72
N ILE A 386 -23.53 -21.52 -16.17
CA ILE A 386 -23.62 -20.05 -16.25
C ILE A 386 -23.47 -19.57 -17.70
N GLU A 387 -22.56 -20.21 -18.45
CA GLU A 387 -22.37 -19.93 -19.89
C GLU A 387 -23.57 -20.36 -20.72
N GLU A 388 -24.09 -21.56 -20.44
CA GLU A 388 -25.28 -22.07 -21.15
C GLU A 388 -26.50 -21.18 -20.96
N HIS A 389 -26.67 -20.65 -19.75
CA HIS A 389 -27.72 -19.68 -19.46
C HIS A 389 -27.46 -18.36 -20.12
N ALA A 390 -26.20 -17.93 -20.12
CA ALA A 390 -25.80 -16.64 -20.72
C ALA A 390 -25.94 -16.66 -22.24
N ASN A 391 -25.40 -17.70 -22.87
CA ASN A 391 -25.52 -17.91 -24.32
C ASN A 391 -26.99 -18.00 -24.77
N TRP A 392 -27.82 -18.63 -23.95
CA TRP A 392 -29.27 -18.67 -24.15
C TRP A 392 -29.86 -17.28 -24.14
N SER A 393 -29.51 -16.49 -23.12
CA SER A 393 -30.02 -15.11 -22.98
C SER A 393 -29.57 -14.16 -24.09
N VAL A 394 -28.36 -14.36 -24.63
CA VAL A 394 -27.82 -13.50 -25.69
C VAL A 394 -28.55 -13.67 -27.03
N SER A 395 -28.76 -14.92 -27.45
CA SER A 395 -29.45 -15.22 -28.72
C SER A 395 -30.97 -14.95 -28.67
N ARG A 396 -31.55 -14.98 -27.47
CA ARG A 396 -32.96 -14.63 -27.26
C ARG A 396 -33.19 -13.13 -27.50
N GLU A 397 -32.30 -12.29 -26.98
CA GLU A 397 -32.34 -10.84 -27.22
C GLU A 397 -32.00 -10.43 -28.65
N ALA A 398 -31.20 -11.25 -29.34
CA ALA A 398 -30.93 -11.08 -30.78
C ALA A 398 -32.21 -11.12 -31.62
N GLY A 399 -33.16 -11.97 -31.20
CA GLY A 399 -34.44 -12.13 -31.89
C GLY A 399 -35.56 -11.17 -31.45
N PHE A 400 -35.27 -10.26 -30.51
CA PHE A 400 -36.29 -9.31 -30.02
C PHE A 400 -36.65 -8.26 -31.08
N SER A 401 -37.94 -8.14 -31.37
CA SER A 401 -38.45 -7.13 -32.30
C SER A 401 -38.31 -5.72 -31.73
N TYR A 402 -38.36 -4.72 -32.62
CA TYR A 402 -38.32 -3.30 -32.24
C TYR A 402 -39.15 -3.01 -30.99
N SER A 403 -40.44 -3.42 -31.05
CA SER A 403 -41.41 -3.23 -29.98
C SER A 403 -41.05 -3.95 -28.67
N HIS A 404 -40.45 -5.14 -28.76
CA HIS A 404 -40.07 -5.90 -27.57
C HIS A 404 -39.01 -5.15 -26.83
N ALA A 405 -37.97 -4.72 -27.54
CA ALA A 405 -36.87 -3.91 -26.97
C ALA A 405 -37.39 -2.56 -26.44
N GLY A 406 -38.51 -2.08 -27.01
CA GLY A 406 -39.24 -0.92 -26.47
C GLY A 406 -39.65 -1.03 -24.99
N LEU A 407 -40.03 -2.25 -24.57
CA LEU A 407 -40.56 -2.47 -23.22
C LEU A 407 -39.58 -2.24 -22.06
N SER A 408 -38.27 -2.32 -22.32
CA SER A 408 -37.23 -2.08 -21.29
C SER A 408 -36.05 -1.27 -21.85
N ASN A 409 -35.61 -0.27 -21.10
CA ASN A 409 -34.47 0.57 -21.47
C ASN A 409 -33.11 -0.14 -21.38
N ARG A 410 -33.10 -1.34 -20.81
CA ARG A 410 -31.91 -2.18 -20.67
C ARG A 410 -31.66 -3.17 -21.82
N LEU A 411 -32.65 -3.35 -22.68
CA LEU A 411 -32.53 -4.26 -23.83
C LEU A 411 -31.79 -3.61 -25.01
N ALA A 412 -30.76 -4.30 -25.51
CA ALA A 412 -29.95 -3.84 -26.63
C ALA A 412 -30.72 -3.91 -27.95
N ARG A 413 -30.66 -2.84 -28.73
CA ARG A 413 -31.09 -2.84 -30.14
C ARG A 413 -29.83 -3.05 -30.98
N ASP A 414 -29.76 -4.20 -31.66
CA ASP A 414 -28.57 -4.57 -32.44
C ASP A 414 -28.55 -3.83 -33.78
N ASN A 415 -27.39 -3.29 -34.14
CA ASN A 415 -27.21 -2.46 -35.34
C ASN A 415 -28.07 -1.18 -35.33
N GLU A 416 -28.08 -0.49 -34.20
CA GLU A 416 -28.70 0.84 -34.07
C GLU A 416 -27.96 1.71 -33.02
N LEU A 417 -26.62 1.59 -33.00
CA LEU A 417 -25.75 2.39 -32.13
C LEU A 417 -25.02 3.41 -33.01
N ARG A 418 -25.37 4.69 -32.86
CA ARG A 418 -24.80 5.79 -33.66
C ARG A 418 -23.51 6.34 -33.04
N GLU A 419 -22.80 7.15 -33.82
CA GLU A 419 -21.50 7.71 -33.41
C GLU A 419 -21.59 8.72 -32.25
N ASN A 420 -22.76 9.32 -32.07
CA ASN A 420 -23.01 10.24 -30.96
C ASN A 420 -23.01 9.52 -29.61
N ASP A 421 -23.85 8.48 -29.50
CA ASP A 421 -23.95 7.68 -28.26
C ASP A 421 -22.75 6.74 -28.02
N LYS A 422 -22.03 6.39 -29.09
CA LYS A 422 -20.72 5.74 -28.97
C LYS A 422 -19.69 6.65 -28.30
N GLU A 423 -19.77 7.96 -28.59
CA GLU A 423 -18.94 8.97 -27.93
C GLU A 423 -19.37 9.23 -26.48
N GLN A 424 -20.67 9.11 -26.19
CA GLN A 424 -21.20 9.25 -24.82
C GLN A 424 -20.60 8.22 -23.87
N LEU A 425 -20.42 7.00 -24.37
CA LEU A 425 -19.78 5.91 -23.61
C LEU A 425 -18.30 6.18 -23.30
N LYS A 426 -17.60 6.83 -24.24
CA LYS A 426 -16.21 7.25 -24.04
C LYS A 426 -16.11 8.34 -22.96
N ALA A 427 -17.00 9.32 -23.02
CA ALA A 427 -17.09 10.40 -22.01
C ALA A 427 -17.41 9.85 -20.61
N ILE A 428 -18.33 8.89 -20.54
CA ILE A 428 -18.64 8.18 -19.29
C ILE A 428 -17.46 7.37 -18.76
N SER A 429 -16.66 6.80 -19.66
CA SER A 429 -15.46 6.03 -19.25
C SER A 429 -14.34 6.93 -18.73
N THR A 430 -14.24 8.16 -19.25
CA THR A 430 -13.20 9.13 -18.86
C THR A 430 -13.50 9.96 -17.59
N ARG A 431 -14.43 9.51 -16.75
CA ARG A 431 -14.77 10.19 -15.51
C ARG A 431 -14.11 9.52 -14.31
N ASP A 432 -14.16 10.19 -13.16
CA ASP A 432 -13.51 9.69 -11.94
C ASP A 432 -14.30 8.54 -11.28
N PRO A 433 -13.65 7.75 -10.42
CA PRO A 433 -14.36 6.64 -9.74
C PRO A 433 -15.43 7.02 -8.70
N LEU A 434 -15.39 8.25 -8.20
CA LEU A 434 -16.35 8.74 -7.19
C LEU A 434 -17.49 9.54 -7.82
N SER A 435 -17.46 9.67 -9.15
CA SER A 435 -18.55 10.29 -9.91
C SER A 435 -19.74 9.34 -9.93
N GLU A 436 -20.92 9.88 -9.61
CA GLU A 436 -22.13 9.08 -9.55
C GLU A 436 -22.65 8.82 -10.97
N ILE A 437 -22.93 7.55 -11.28
CA ILE A 437 -23.56 7.16 -12.53
C ILE A 437 -25.07 7.11 -12.28
N THR A 438 -25.85 7.80 -13.11
CA THR A 438 -27.30 7.88 -12.93
C THR A 438 -27.95 6.58 -13.43
N GLU A 439 -29.17 6.31 -12.96
CA GLU A 439 -29.89 5.09 -13.34
C GLU A 439 -30.16 5.01 -14.84
N GLN A 440 -30.30 6.17 -15.50
CA GLN A 440 -30.38 6.23 -16.96
C GLN A 440 -29.04 5.84 -17.59
N GLU A 441 -27.94 6.35 -17.05
CA GLU A 441 -26.60 6.00 -17.51
C GLU A 441 -26.28 4.53 -17.31
N LYS A 442 -26.81 3.94 -16.22
CA LYS A 442 -26.67 2.51 -15.97
C LYS A 442 -27.38 1.66 -17.04
N ASP A 443 -28.68 1.89 -17.21
CA ASP A 443 -29.44 1.22 -18.29
C ASP A 443 -28.75 1.36 -19.65
N PHE A 444 -28.16 2.54 -19.87
CA PHE A 444 -27.48 2.89 -21.12
C PHE A 444 -26.19 2.08 -21.34
N LEU A 445 -25.32 2.04 -20.34
CA LEU A 445 -24.10 1.22 -20.43
C LEU A 445 -24.46 -0.24 -20.65
N TRP A 446 -25.41 -0.74 -19.86
CA TRP A 446 -25.80 -2.14 -19.90
C TRP A 446 -26.46 -2.53 -21.22
N SER A 447 -27.26 -1.63 -21.78
CA SER A 447 -27.77 -1.78 -23.15
C SER A 447 -26.63 -2.01 -24.14
N HIS A 448 -25.59 -1.20 -24.03
CA HIS A 448 -24.42 -1.28 -24.92
C HIS A 448 -23.26 -2.04 -24.30
N ARG A 449 -23.56 -3.01 -23.45
CA ARG A 449 -22.53 -3.82 -22.78
C ARG A 449 -21.54 -4.49 -23.75
N HIS A 450 -22.04 -4.89 -24.92
CA HIS A 450 -21.20 -5.55 -25.94
C HIS A 450 -20.27 -4.60 -26.65
N TYR A 451 -20.71 -3.36 -26.88
CA TYR A 451 -19.83 -2.32 -27.42
C TYR A 451 -18.76 -1.88 -26.41
N CYS A 452 -19.07 -1.97 -25.12
CA CYS A 452 -18.13 -1.58 -24.06
C CYS A 452 -16.79 -2.35 -24.08
N VAL A 453 -16.79 -3.55 -24.66
CA VAL A 453 -15.57 -4.36 -24.84
C VAL A 453 -14.51 -3.66 -25.72
N THR A 454 -14.97 -2.85 -26.67
CA THR A 454 -14.08 -2.05 -27.52
C THR A 454 -13.49 -0.80 -26.83
N ILE A 455 -13.95 -0.52 -25.61
CA ILE A 455 -13.41 0.56 -24.76
C ILE A 455 -13.15 -0.03 -23.36
N PRO A 456 -12.14 -0.93 -23.24
CA PRO A 456 -11.99 -1.81 -22.06
C PRO A 456 -11.97 -1.11 -20.70
N GLU A 457 -11.33 0.06 -20.65
CA GLU A 457 -11.25 0.88 -19.42
C GLU A 457 -12.58 1.32 -18.79
N ILE A 458 -13.69 1.20 -19.53
CA ILE A 458 -15.04 1.48 -19.00
C ILE A 458 -15.58 0.40 -18.01
N LEU A 459 -14.88 -0.73 -17.87
CA LEU A 459 -15.42 -1.90 -17.16
C LEU A 459 -15.96 -1.66 -15.73
N PRO A 460 -15.25 -0.87 -14.90
CA PRO A 460 -15.77 -0.57 -13.55
C PRO A 460 -17.10 0.18 -13.54
N LYS A 461 -17.38 0.95 -14.59
CA LYS A 461 -18.63 1.67 -14.72
C LYS A 461 -19.73 0.70 -15.16
N LEU A 462 -19.39 -0.22 -16.08
CA LEU A 462 -20.34 -1.24 -16.56
C LEU A 462 -20.73 -2.23 -15.46
N LEU A 463 -19.76 -2.58 -14.60
CA LEU A 463 -20.02 -3.51 -13.50
C LEU A 463 -20.93 -2.92 -12.41
N LEU A 464 -20.81 -1.62 -12.15
CA LEU A 464 -21.70 -0.93 -11.21
C LEU A 464 -23.11 -0.70 -11.78
N SER A 465 -23.24 -0.69 -13.11
CA SER A 465 -24.56 -0.58 -13.75
C SER A 465 -25.33 -1.90 -13.86
N VAL A 466 -24.67 -3.03 -13.56
CA VAL A 466 -25.34 -4.33 -13.50
C VAL A 466 -26.32 -4.37 -12.32
N LYS A 467 -27.46 -5.02 -12.53
CA LYS A 467 -28.34 -5.41 -11.44
C LYS A 467 -27.76 -6.72 -10.93
N TRP A 468 -27.08 -6.67 -9.80
CA TRP A 468 -26.48 -7.88 -9.20
C TRP A 468 -27.49 -8.78 -8.52
N ASN A 469 -28.79 -8.46 -8.61
CA ASN A 469 -29.86 -9.36 -8.13
C ASN A 469 -30.68 -10.01 -9.26
N SER A 470 -30.12 -10.05 -10.48
CA SER A 470 -30.64 -10.83 -11.59
C SER A 470 -29.59 -11.86 -12.04
N ARG A 471 -29.88 -13.15 -11.85
CA ARG A 471 -29.00 -14.20 -12.38
C ARG A 471 -28.85 -14.10 -13.92
N ASP A 472 -29.91 -13.68 -14.61
CA ASP A 472 -29.90 -13.50 -16.08
C ASP A 472 -28.81 -12.51 -16.52
N GLU A 473 -28.75 -11.38 -15.85
CA GLU A 473 -27.76 -10.34 -16.17
C GLU A 473 -26.37 -10.72 -15.68
N VAL A 474 -26.29 -11.13 -14.41
CA VAL A 474 -25.01 -11.55 -13.81
C VAL A 474 -24.30 -12.62 -14.65
N ALA A 475 -25.07 -13.57 -15.21
CA ALA A 475 -24.52 -14.65 -16.02
C ALA A 475 -23.91 -14.17 -17.34
N GLN A 476 -24.54 -13.17 -17.94
CA GLN A 476 -24.00 -12.51 -19.13
C GLN A 476 -22.76 -11.68 -18.79
N MET A 477 -22.80 -11.03 -17.64
CA MET A 477 -21.67 -10.21 -17.19
C MET A 477 -20.43 -11.08 -16.96
N TYR A 478 -20.62 -12.21 -16.30
CA TYR A 478 -19.56 -13.23 -16.15
C TYR A 478 -18.92 -13.60 -17.50
N CYS A 479 -19.76 -13.85 -18.50
CA CYS A 479 -19.30 -14.17 -19.86
C CYS A 479 -18.56 -13.02 -20.54
N LEU A 480 -19.06 -11.79 -20.38
CA LEU A 480 -18.37 -10.60 -20.89
C LEU A 480 -17.00 -10.48 -20.22
N VAL A 481 -17.00 -10.60 -18.89
CA VAL A 481 -15.78 -10.54 -18.07
C VAL A 481 -14.77 -11.65 -18.43
N LYS A 482 -15.27 -12.86 -18.75
CA LYS A 482 -14.41 -14.01 -19.11
C LYS A 482 -13.46 -13.71 -20.26
N ASP A 483 -13.94 -12.99 -21.27
CA ASP A 483 -13.15 -12.64 -22.46
C ASP A 483 -12.80 -11.14 -22.49
N TRP A 484 -12.82 -10.47 -21.34
CA TRP A 484 -12.62 -9.02 -21.30
C TRP A 484 -11.16 -8.70 -21.49
N PRO A 485 -10.84 -7.75 -22.39
CA PRO A 485 -9.42 -7.51 -22.69
C PRO A 485 -8.66 -6.84 -21.53
N PRO A 486 -7.34 -7.00 -21.50
CA PRO A 486 -6.55 -6.56 -20.36
C PRO A 486 -6.47 -5.03 -20.23
N ILE A 487 -6.75 -4.53 -19.03
CA ILE A 487 -6.62 -3.10 -18.69
C ILE A 487 -5.40 -2.92 -17.79
N LYS A 488 -4.90 -1.68 -17.72
CA LYS A 488 -3.66 -1.36 -16.98
C LYS A 488 -3.76 -1.73 -15.49
N PRO A 489 -2.62 -2.08 -14.85
CA PRO A 489 -2.67 -2.45 -13.42
C PRO A 489 -3.30 -1.39 -12.53
N GLU A 490 -2.89 -0.13 -12.74
CA GLU A 490 -3.49 1.05 -12.06
C GLU A 490 -5.02 1.02 -12.05
N GLN A 491 -5.59 0.70 -13.21
CA GLN A 491 -7.05 0.67 -13.40
C GLN A 491 -7.62 -0.63 -12.83
N ALA A 492 -6.89 -1.73 -12.98
CA ALA A 492 -7.27 -3.03 -12.42
C ALA A 492 -7.42 -3.02 -10.91
N MET A 493 -6.57 -2.26 -10.24
CA MET A 493 -6.56 -2.18 -8.78
C MET A 493 -7.92 -1.72 -8.21
N GLU A 494 -8.60 -0.82 -8.91
CA GLU A 494 -9.93 -0.35 -8.51
C GLU A 494 -10.91 -1.51 -8.30
N LEU A 495 -10.81 -2.52 -9.16
CA LEU A 495 -11.69 -3.69 -9.11
C LEU A 495 -11.41 -4.63 -7.93
N LEU A 496 -10.32 -4.39 -7.20
CA LEU A 496 -10.05 -5.08 -5.93
C LEU A 496 -10.56 -4.33 -4.70
N ASP A 497 -11.07 -3.10 -4.86
CA ASP A 497 -11.61 -2.33 -3.71
C ASP A 497 -12.97 -2.86 -3.26
N CYS A 498 -13.53 -2.24 -2.22
CA CYS A 498 -14.76 -2.74 -1.58
C CYS A 498 -16.05 -2.68 -2.43
N ASN A 499 -16.04 -1.90 -3.52
CA ASN A 499 -17.19 -1.82 -4.46
C ASN A 499 -17.41 -3.05 -5.34
N TYR A 500 -16.38 -3.88 -5.50
CA TYR A 500 -16.38 -4.97 -6.48
C TYR A 500 -16.09 -6.31 -5.79
N PRO A 501 -17.07 -6.82 -5.01
CA PRO A 501 -16.89 -8.06 -4.23
C PRO A 501 -16.90 -9.37 -5.03
N ASP A 502 -17.35 -9.35 -6.27
CA ASP A 502 -17.58 -10.57 -7.04
C ASP A 502 -16.26 -11.25 -7.45
N PRO A 503 -16.12 -12.57 -7.16
CA PRO A 503 -14.84 -13.25 -7.38
C PRO A 503 -14.42 -13.33 -8.84
N MET A 504 -15.40 -13.40 -9.75
CA MET A 504 -15.10 -13.42 -11.18
C MET A 504 -14.51 -12.07 -11.62
N VAL A 505 -14.98 -10.97 -11.04
CA VAL A 505 -14.42 -9.65 -11.31
C VAL A 505 -13.02 -9.51 -10.70
N ARG A 506 -12.87 -9.91 -9.45
CA ARG A 506 -11.59 -9.82 -8.75
C ARG A 506 -10.51 -10.70 -9.37
N GLY A 507 -10.90 -11.91 -9.80
CA GLY A 507 -10.01 -12.82 -10.52
C GLY A 507 -9.41 -12.20 -11.77
N PHE A 508 -10.23 -11.52 -12.55
CA PHE A 508 -9.80 -10.74 -13.71
C PHE A 508 -8.79 -9.64 -13.35
N ALA A 509 -9.06 -8.91 -12.28
CA ALA A 509 -8.16 -7.83 -11.82
C ALA A 509 -6.80 -8.40 -11.43
N VAL A 510 -6.82 -9.49 -10.66
CA VAL A 510 -5.62 -10.25 -10.28
C VAL A 510 -4.87 -10.76 -11.52
N ARG A 511 -5.63 -11.25 -12.50
CA ARG A 511 -5.06 -11.77 -13.74
C ARG A 511 -4.35 -10.66 -14.54
N CYS A 512 -4.91 -9.45 -14.53
CA CYS A 512 -4.24 -8.27 -15.12
C CYS A 512 -2.93 -7.94 -14.42
N LEU A 513 -2.95 -7.96 -13.09
CA LEU A 513 -1.76 -7.68 -12.28
C LEU A 513 -0.65 -8.69 -12.56
N GLU A 514 -1.00 -9.96 -12.68
CA GLU A 514 -0.02 -11.01 -13.04
C GLU A 514 0.63 -10.72 -14.40
N LYS A 515 -0.14 -10.20 -15.34
CA LYS A 515 0.37 -9.91 -16.68
C LYS A 515 1.20 -8.62 -16.76
N TYR A 516 0.69 -7.52 -16.20
CA TYR A 516 1.21 -6.17 -16.48
C TYR A 516 1.94 -5.43 -15.34
N LEU A 517 1.92 -5.98 -14.13
CA LEU A 517 2.51 -5.32 -12.95
C LEU A 517 3.97 -5.72 -12.74
N THR A 518 4.90 -4.80 -12.97
CA THR A 518 6.32 -5.03 -12.67
C THR A 518 6.56 -5.10 -11.16
N ASP A 519 7.65 -5.75 -10.75
CA ASP A 519 8.00 -5.86 -9.32
C ASP A 519 8.24 -4.48 -8.70
N ASP A 520 8.83 -3.58 -9.47
CA ASP A 520 8.90 -2.15 -9.12
C ASP A 520 7.54 -1.59 -8.70
N LYS A 521 6.54 -1.78 -9.56
CA LYS A 521 5.19 -1.27 -9.32
C LYS A 521 4.46 -2.06 -8.24
N LEU A 522 4.76 -3.35 -8.14
CA LEU A 522 4.18 -4.17 -7.08
C LEU A 522 4.64 -3.63 -5.73
N SER A 523 5.95 -3.35 -5.63
CA SER A 523 6.53 -2.76 -4.42
C SER A 523 5.90 -1.42 -4.09
N GLN A 524 5.69 -0.59 -5.11
CA GLN A 524 5.11 0.75 -4.93
C GLN A 524 3.68 0.71 -4.38
N TYR A 525 2.82 -0.12 -4.99
CA TYR A 525 1.43 -0.27 -4.54
C TYR A 525 1.21 -1.43 -3.56
N LEU A 526 2.27 -1.96 -2.95
CA LEU A 526 2.17 -3.16 -2.10
C LEU A 526 1.23 -2.97 -0.90
N ILE A 527 1.26 -1.78 -0.29
CA ILE A 527 0.46 -1.53 0.90
C ILE A 527 -1.05 -1.57 0.61
N GLN A 528 -1.46 -1.05 -0.55
CA GLN A 528 -2.86 -1.06 -0.99
C GLN A 528 -3.35 -2.48 -1.28
N LEU A 529 -2.53 -3.24 -2.00
CA LEU A 529 -2.81 -4.64 -2.32
C LEU A 529 -2.90 -5.52 -1.06
N VAL A 530 -2.09 -5.20 -0.05
CA VAL A 530 -2.17 -5.89 1.25
C VAL A 530 -3.50 -5.57 1.95
N GLN A 531 -3.95 -4.32 1.88
CA GLN A 531 -5.19 -3.89 2.53
C GLN A 531 -6.43 -4.56 1.97
N VAL A 532 -6.57 -4.54 0.65
CA VAL A 532 -7.73 -5.11 -0.04
C VAL A 532 -7.95 -6.62 0.16
N LEU A 533 -6.93 -7.34 0.66
CA LEU A 533 -7.11 -8.71 1.18
C LEU A 533 -8.20 -8.81 2.26
N LYS A 534 -8.38 -7.75 3.03
CA LYS A 534 -9.45 -7.66 4.05
C LYS A 534 -10.85 -7.79 3.44
N TYR A 535 -11.01 -7.30 2.21
CA TYR A 535 -12.28 -7.36 1.50
C TYR A 535 -12.60 -8.71 0.84
N GLU A 536 -11.62 -9.61 0.74
CA GLU A 536 -11.86 -10.95 0.18
C GLU A 536 -12.82 -11.73 1.09
N GLN A 537 -13.75 -12.45 0.50
CA GLN A 537 -14.69 -13.28 1.27
C GLN A 537 -14.03 -14.44 1.98
N TYR A 538 -13.07 -15.08 1.30
CA TYR A 538 -12.44 -16.31 1.79
C TYR A 538 -10.95 -16.16 2.00
N LEU A 539 -10.40 -17.02 2.87
CA LEU A 539 -8.96 -17.02 3.16
C LEU A 539 -8.15 -17.43 1.92
N ASP A 540 -8.67 -18.41 1.19
CA ASP A 540 -8.03 -18.94 -0.02
C ASP A 540 -8.66 -18.26 -1.26
N ASN A 541 -7.91 -17.35 -1.88
CA ASN A 541 -8.35 -16.61 -3.07
C ASN A 541 -7.19 -16.35 -4.04
N LEU A 542 -7.52 -15.91 -5.27
CA LEU A 542 -6.51 -15.64 -6.28
C LEU A 542 -5.56 -14.48 -5.96
N LEU A 543 -5.99 -13.53 -5.13
CA LEU A 543 -5.17 -12.36 -4.77
C LEU A 543 -4.08 -12.72 -3.77
N VAL A 544 -4.46 -13.40 -2.68
CA VAL A 544 -3.49 -13.79 -1.64
C VAL A 544 -2.43 -14.76 -2.19
N ARG A 545 -2.84 -15.67 -3.06
CA ARG A 545 -1.93 -16.54 -3.79
C ARG A 545 -0.99 -15.78 -4.70
N PHE A 546 -1.47 -14.69 -5.29
CA PHE A 546 -0.63 -13.85 -6.16
C PHE A 546 0.44 -13.12 -5.37
N LEU A 547 0.02 -12.47 -4.29
CA LEU A 547 0.95 -11.71 -3.44
C LEU A 547 2.00 -12.61 -2.79
N LEU A 548 1.55 -13.73 -2.22
CA LEU A 548 2.46 -14.67 -1.56
C LEU A 548 3.51 -15.21 -2.50
N LYS A 549 3.12 -15.51 -3.76
CA LYS A 549 4.08 -15.96 -4.77
C LYS A 549 5.20 -14.93 -4.92
N LYS A 550 4.81 -13.68 -5.13
CA LYS A 550 5.76 -12.59 -5.33
C LYS A 550 6.58 -12.32 -4.08
N ALA A 551 5.96 -12.41 -2.92
CA ALA A 551 6.69 -12.25 -1.64
C ALA A 551 7.79 -13.30 -1.54
N LEU A 552 7.49 -14.51 -2.02
CA LEU A 552 8.43 -15.62 -1.99
C LEU A 552 9.40 -15.69 -3.19
N THR A 553 9.13 -14.93 -4.26
CA THR A 553 10.03 -14.85 -5.42
C THR A 553 11.02 -13.68 -5.33
N ASN A 554 10.79 -12.75 -4.41
CA ASN A 554 11.46 -11.45 -4.39
C ASN A 554 11.56 -10.95 -2.94
N GLN A 555 12.76 -11.03 -2.35
CA GLN A 555 12.93 -10.81 -0.91
C GLN A 555 12.68 -9.36 -0.49
N ARG A 556 12.99 -8.41 -1.38
CA ARG A 556 12.58 -6.99 -1.23
C ARG A 556 11.08 -6.90 -0.98
N ILE A 557 10.30 -7.56 -1.83
CA ILE A 557 8.84 -7.56 -1.72
C ILE A 557 8.38 -8.30 -0.47
N GLY A 558 8.98 -9.46 -0.20
CA GLY A 558 8.66 -10.26 0.99
C GLY A 558 8.89 -9.53 2.30
N HIS A 559 9.93 -8.69 2.34
CA HIS A 559 10.25 -7.90 3.51
C HIS A 559 9.09 -7.05 3.93
N PHE A 560 8.63 -6.19 3.03
CA PHE A 560 7.53 -5.27 3.34
C PHE A 560 6.19 -6.01 3.44
N PHE A 561 6.02 -7.08 2.67
CA PHE A 561 4.85 -7.96 2.79
C PHE A 561 4.74 -8.45 4.24
N PHE A 562 5.84 -8.97 4.78
CA PHE A 562 5.91 -9.38 6.20
C PHE A 562 5.52 -8.26 7.17
N TRP A 563 6.18 -7.10 7.05
CA TRP A 563 5.96 -5.99 8.00
C TRP A 563 4.60 -5.35 7.93
N HIS A 564 4.06 -5.16 6.72
CA HIS A 564 2.70 -4.67 6.55
C HIS A 564 1.70 -5.60 7.18
N LEU A 565 1.87 -6.90 6.96
CA LEU A 565 1.02 -7.92 7.59
C LEU A 565 1.19 -8.01 9.12
N LYS A 566 2.43 -7.88 9.58
CA LYS A 566 2.74 -7.98 11.03
C LYS A 566 2.27 -6.78 11.84
N SER A 567 2.24 -5.60 11.22
CA SER A 567 1.87 -4.36 11.94
C SER A 567 0.39 -4.34 12.36
N GLU A 568 -0.47 -5.09 11.66
CA GLU A 568 -1.90 -5.20 11.98
C GLU A 568 -2.34 -6.47 12.73
N MET A 569 -1.38 -7.21 13.31
CA MET A 569 -1.72 -8.42 14.10
C MET A 569 -2.41 -8.11 15.42
N HIS A 570 -2.30 -6.86 15.89
CA HIS A 570 -3.12 -6.37 17.01
C HIS A 570 -4.58 -6.27 16.66
N ASN A 571 -4.88 -5.98 15.39
CA ASN A 571 -6.23 -5.79 14.89
C ASN A 571 -6.96 -7.13 14.71
N LYS A 572 -7.70 -7.53 15.75
CA LYS A 572 -8.39 -8.84 15.78
C LYS A 572 -9.39 -9.10 14.64
N THR A 573 -9.82 -8.03 13.97
CA THR A 573 -10.60 -8.12 12.73
C THR A 573 -9.84 -8.80 11.56
N VAL A 574 -8.50 -8.80 11.61
CA VAL A 574 -7.65 -9.40 10.54
C VAL A 574 -6.55 -10.37 11.02
N SER A 575 -6.52 -10.68 12.32
CA SER A 575 -5.41 -11.44 12.93
C SER A 575 -5.27 -12.87 12.41
N GLN A 576 -6.39 -13.54 12.22
CA GLN A 576 -6.39 -14.94 11.75
C GLN A 576 -5.96 -15.05 10.30
N ARG A 577 -6.47 -14.17 9.46
CA ARG A 577 -6.13 -14.16 8.04
C ARG A 577 -4.65 -13.83 7.87
N PHE A 578 -4.24 -12.70 8.43
CA PHE A 578 -2.85 -12.24 8.33
C PHE A 578 -1.89 -13.17 9.06
N GLY A 579 -2.33 -13.73 10.19
CA GLY A 579 -1.57 -14.71 10.94
C GLY A 579 -1.25 -15.97 10.14
N LEU A 580 -2.26 -16.51 9.46
CA LEU A 580 -2.11 -17.71 8.63
C LEU A 580 -1.26 -17.46 7.41
N LEU A 581 -1.35 -16.26 6.86
CA LEU A 581 -0.61 -15.87 5.68
C LEU A 581 0.86 -15.67 6.06
N LEU A 582 1.08 -15.04 7.22
CA LEU A 582 2.43 -14.93 7.79
C LEU A 582 3.04 -16.31 8.08
N GLU A 583 2.25 -17.23 8.63
CA GLU A 583 2.72 -18.62 8.85
C GLU A 583 3.22 -19.22 7.54
N SER A 584 2.43 -19.11 6.48
CA SER A 584 2.80 -19.70 5.19
C SER A 584 4.05 -19.03 4.62
N TYR A 585 4.12 -17.71 4.73
CA TYR A 585 5.30 -16.96 4.30
C TYR A 585 6.57 -17.39 5.03
N CYS A 586 6.52 -17.35 6.37
CA CYS A 586 7.67 -17.68 7.22
C CYS A 586 8.14 -19.12 7.06
N ARG A 587 7.19 -20.02 6.88
CA ARG A 587 7.48 -21.42 6.60
C ARG A 587 8.24 -21.65 5.27
N ALA A 588 8.19 -20.68 4.36
CA ALA A 588 8.72 -20.85 3.00
C ALA A 588 9.74 -19.79 2.51
N CYS A 589 10.01 -18.74 3.29
CA CYS A 589 10.90 -17.65 2.82
C CYS A 589 12.38 -17.99 2.90
N GLY A 590 12.73 -18.96 3.74
CA GLY A 590 14.11 -19.45 3.83
C GLY A 590 14.85 -18.85 5.01
N MET A 591 16.11 -18.45 4.77
CA MET A 591 16.98 -17.94 5.83
C MET A 591 16.59 -16.55 6.29
N TYR A 592 15.85 -15.80 5.46
CA TYR A 592 15.40 -14.46 5.84
C TYR A 592 14.52 -14.45 7.08
N LEU A 593 13.87 -15.58 7.40
CA LEU A 593 13.14 -15.73 8.67
C LEU A 593 14.04 -15.44 9.87
N LYS A 594 15.27 -15.95 9.83
CA LYS A 594 16.26 -15.70 10.89
C LYS A 594 16.56 -14.19 11.00
N HIS A 595 16.76 -13.54 9.85
CA HIS A 595 16.99 -12.08 9.81
C HIS A 595 15.78 -11.22 10.17
N LEU A 596 14.56 -11.71 9.95
CA LEU A 596 13.36 -11.00 10.41
C LEU A 596 13.22 -11.07 11.93
N ASN A 597 13.52 -12.22 12.53
CA ASN A 597 13.46 -12.37 13.98
C ASN A 597 14.47 -11.46 14.73
N ARG A 598 15.61 -11.18 14.08
CA ARG A 598 16.52 -10.13 14.54
C ARG A 598 15.79 -8.79 14.67
N GLN A 599 15.11 -8.40 13.60
CA GLN A 599 14.43 -7.10 13.54
C GLN A 599 13.27 -7.05 14.52
N VAL A 600 12.41 -8.08 14.47
CA VAL A 600 11.31 -8.25 15.44
C VAL A 600 11.79 -8.15 16.88
N GLU A 601 12.87 -8.85 17.21
CA GLU A 601 13.45 -8.77 18.56
C GLU A 601 13.97 -7.35 18.86
N ALA A 602 14.60 -6.71 17.88
CA ALA A 602 15.12 -5.34 18.05
C ALA A 602 13.99 -4.35 18.36
N MET A 603 12.90 -4.45 17.60
CA MET A 603 11.73 -3.60 17.82
C MET A 603 11.07 -3.90 19.16
N GLU A 604 11.07 -5.16 19.58
CA GLU A 604 10.52 -5.54 20.89
C GLU A 604 11.29 -4.86 22.03
N LYS A 605 12.61 -4.77 21.90
CA LYS A 605 13.43 -4.06 22.89
C LYS A 605 13.10 -2.57 22.94
N LEU A 606 12.99 -1.93 21.77
CA LEU A 606 12.65 -0.50 21.69
C LEU A 606 11.25 -0.22 22.22
N ILE A 607 10.28 -1.08 21.87
CA ILE A 607 8.92 -0.97 22.39
C ILE A 607 8.90 -1.15 23.92
N ASN A 608 9.68 -2.11 24.41
CA ASN A 608 9.79 -2.38 25.86
C ASN A 608 10.42 -1.19 26.61
N LEU A 609 11.46 -0.62 26.01
CA LEU A 609 12.25 0.46 26.63
C LEU A 609 11.47 1.79 26.67
N THR A 610 10.89 2.18 25.54
CA THR A 610 10.07 3.40 25.47
C THR A 610 8.79 3.32 26.32
N ASP A 611 8.21 2.13 26.45
CA ASP A 611 7.11 1.89 27.40
C ASP A 611 7.54 2.15 28.85
N ILE A 612 8.75 1.77 29.22
CA ILE A 612 9.28 2.09 30.57
C ILE A 612 9.44 3.60 30.75
N LEU A 613 9.90 4.30 29.71
CA LEU A 613 10.05 5.77 29.79
C LEU A 613 8.70 6.45 30.02
N LYS A 614 7.76 6.27 29.10
CA LYS A 614 6.46 6.94 29.19
C LYS A 614 5.46 6.35 30.22
N GLN A 615 5.89 5.38 31.03
CA GLN A 615 5.08 4.85 32.15
C GLN A 615 5.81 4.90 33.51
N GLU A 616 7.03 4.39 33.58
CA GLU A 616 7.80 4.39 34.83
C GLU A 616 8.45 5.75 35.11
N LYS A 617 9.28 6.22 34.16
CA LYS A 617 10.03 7.47 34.30
C LYS A 617 9.36 8.62 33.53
N LYS A 618 8.07 8.81 33.79
CA LYS A 618 7.17 9.64 32.96
C LYS A 618 7.61 11.10 32.78
N ASP A 619 7.85 11.77 33.91
CA ASP A 619 8.15 13.21 33.94
C ASP A 619 9.41 13.50 34.76
N GLU A 620 10.49 12.81 34.42
CA GLU A 620 11.83 13.08 34.98
C GLU A 620 12.60 13.98 34.00
N THR A 621 13.76 14.49 34.42
CA THR A 621 14.57 15.37 33.57
C THR A 621 15.14 14.63 32.36
N GLN A 622 15.67 15.40 31.40
CA GLN A 622 16.30 14.84 30.19
C GLN A 622 17.60 14.11 30.55
N LYS A 623 18.37 14.68 31.49
CA LYS A 623 19.58 14.05 32.01
C LYS A 623 19.26 12.70 32.68
N VAL A 624 18.33 12.71 33.63
CA VAL A 624 17.87 11.48 34.30
C VAL A 624 17.23 10.46 33.33
N GLN A 625 16.55 10.93 32.28
CA GLN A 625 15.97 10.03 31.26
C GLN A 625 17.07 9.44 30.36
N MET A 626 17.99 10.29 29.91
CA MET A 626 19.15 9.84 29.11
C MET A 626 20.04 8.86 29.89
N LYS A 627 20.35 9.21 31.14
CA LYS A 627 21.11 8.32 32.02
C LYS A 627 20.49 6.93 32.09
N PHE A 628 19.19 6.88 32.38
CA PHE A 628 18.44 5.62 32.43
C PHE A 628 18.48 4.86 31.11
N LEU A 629 18.34 5.59 30.00
CA LEU A 629 18.36 5.00 28.66
C LEU A 629 19.67 4.27 28.40
N VAL A 630 20.79 4.97 28.57
CA VAL A 630 22.14 4.44 28.41
C VAL A 630 22.41 3.19 29.25
N GLU A 631 22.01 3.22 30.52
CA GLU A 631 22.18 2.07 31.42
C GLU A 631 21.40 0.83 30.95
N GLN A 632 20.20 1.05 30.42
CA GLN A 632 19.35 -0.06 29.96
C GLN A 632 19.75 -0.58 28.56
N MET A 633 20.17 0.34 27.69
CA MET A 633 20.72 -0.03 26.38
C MET A 633 22.02 -0.83 26.48
N ARG A 634 22.82 -0.53 27.51
CA ARG A 634 24.13 -1.21 27.72
C ARG A 634 24.06 -2.58 28.39
N ARG A 635 22.87 -2.99 28.86
CA ARG A 635 22.68 -4.35 29.38
C ARG A 635 22.94 -5.40 28.29
N PRO A 636 23.62 -6.53 28.62
CA PRO A 636 24.08 -7.50 27.59
C PRO A 636 23.00 -8.02 26.62
N ASP A 637 21.85 -8.43 27.17
CA ASP A 637 20.74 -8.95 26.35
C ASP A 637 20.12 -7.85 25.46
N PHE A 638 19.98 -6.64 26.01
CA PHE A 638 19.58 -5.47 25.22
C PHE A 638 20.61 -5.13 24.15
N MET A 639 21.88 -5.12 24.53
CA MET A 639 22.95 -4.62 23.67
C MET A 639 23.15 -5.44 22.41
N ASP A 640 23.02 -6.76 22.49
CA ASP A 640 23.17 -7.61 21.30
C ASP A 640 21.93 -7.53 20.40
N ALA A 641 20.75 -7.50 21.01
CA ALA A 641 19.48 -7.39 20.29
C ALA A 641 19.35 -6.13 19.43
N LEU A 642 19.96 -5.02 19.87
CA LEU A 642 19.82 -3.72 19.17
C LEU A 642 20.95 -3.36 18.19
N GLN A 643 21.77 -4.33 17.80
CA GLN A 643 22.83 -4.09 16.80
C GLN A 643 23.13 -5.33 15.97
N GLY A 644 23.65 -5.12 14.77
CA GLY A 644 23.92 -6.18 13.82
C GLY A 644 22.65 -6.80 13.30
N PHE A 645 21.75 -5.97 12.79
CA PHE A 645 20.58 -6.43 12.05
C PHE A 645 20.29 -5.48 10.87
N LEU A 646 19.28 -5.81 10.07
CA LEU A 646 18.92 -5.04 8.87
C LEU A 646 17.78 -4.02 9.13
N SER A 647 17.95 -2.78 8.67
CA SER A 647 16.94 -1.72 8.84
C SER A 647 15.60 -2.14 8.26
N PRO A 648 14.55 -2.26 9.10
CA PRO A 648 13.23 -2.58 8.52
C PRO A 648 12.71 -1.53 7.53
N LEU A 649 13.16 -0.29 7.65
CA LEU A 649 12.89 0.76 6.64
C LEU A 649 13.43 0.39 5.26
N ASN A 650 14.63 -0.20 5.23
CA ASN A 650 15.27 -0.62 3.97
C ASN A 650 16.25 -1.77 4.23
N PRO A 651 15.84 -3.03 3.95
CA PRO A 651 16.69 -4.16 4.36
C PRO A 651 18.06 -4.30 3.69
N ALA A 652 18.33 -3.50 2.66
CA ALA A 652 19.69 -3.39 2.11
C ALA A 652 20.62 -2.55 2.99
N HIS A 653 20.09 -1.90 4.02
CA HIS A 653 20.89 -1.17 4.99
C HIS A 653 21.20 -2.02 6.18
N GLN A 654 22.49 -2.35 6.37
CA GLN A 654 22.94 -3.04 7.57
C GLN A 654 23.09 -2.04 8.71
N LEU A 655 22.47 -2.36 9.85
CA LEU A 655 22.64 -1.57 11.07
C LEU A 655 23.67 -2.24 11.97
N GLY A 656 24.86 -1.64 12.05
CA GLY A 656 25.99 -2.17 12.81
C GLY A 656 25.88 -1.91 14.31
N ASN A 657 26.98 -1.43 14.91
CA ASN A 657 26.99 -1.05 16.34
C ASN A 657 26.27 0.27 16.57
N LEU A 658 25.60 0.40 17.73
CA LEU A 658 25.03 1.68 18.14
C LEU A 658 26.12 2.68 18.49
N ARG A 659 25.94 3.92 18.03
CA ARG A 659 26.64 5.08 18.58
C ARG A 659 25.71 5.70 19.61
N LEU A 660 25.84 5.26 20.86
CA LEU A 660 24.96 5.72 21.95
C LEU A 660 25.22 7.17 22.34
N GLU A 661 26.44 7.65 22.07
CA GLU A 661 26.78 9.07 22.19
C GLU A 661 25.97 9.96 21.25
N GLU A 662 25.48 9.39 20.14
CA GLU A 662 24.59 10.06 19.18
C GLU A 662 23.09 9.73 19.35
N CYS A 663 22.78 8.70 20.12
CA CYS A 663 21.39 8.34 20.44
C CYS A 663 20.79 9.34 21.44
N ARG A 664 19.53 9.72 21.22
CA ARG A 664 18.85 10.63 22.16
C ARG A 664 17.33 10.43 22.26
N ILE A 665 16.77 10.85 23.40
CA ILE A 665 15.32 10.92 23.62
C ILE A 665 14.88 12.31 23.20
N MET A 666 13.92 12.37 22.26
CA MET A 666 13.51 13.62 21.63
C MET A 666 12.43 14.36 22.42
N SER A 667 12.23 15.63 22.07
CA SER A 667 11.37 16.54 22.82
C SER A 667 9.86 16.32 22.64
N SER A 668 9.44 15.62 21.60
CA SER A 668 8.01 15.30 21.40
C SER A 668 7.49 14.48 22.58
N ALA A 669 6.34 14.89 23.14
CA ALA A 669 5.79 14.34 24.40
C ALA A 669 5.68 12.80 24.45
N LYS A 670 5.42 12.17 23.30
CA LYS A 670 5.38 10.71 23.19
C LYS A 670 6.75 10.01 23.31
N ARG A 671 7.83 10.81 23.33
CA ARG A 671 9.21 10.37 23.60
C ARG A 671 9.79 9.43 22.54
N PRO A 672 9.84 9.92 21.29
CA PRO A 672 10.50 9.13 20.25
C PRO A 672 12.01 9.11 20.47
N LEU A 673 12.61 7.94 20.30
CA LEU A 673 14.06 7.79 20.38
C LEU A 673 14.66 8.11 19.03
N TRP A 674 15.71 8.93 19.04
CA TRP A 674 16.57 9.15 17.88
C TRP A 674 17.69 8.18 18.06
N LEU A 675 17.87 7.27 17.10
CA LEU A 675 18.89 6.22 17.20
C LEU A 675 19.89 6.36 16.06
N ASN A 676 21.17 6.14 16.36
CA ASN A 676 22.25 6.22 15.38
C ASN A 676 22.97 4.88 15.41
N TRP A 677 23.05 4.24 14.25
CA TRP A 677 23.86 3.03 14.06
C TRP A 677 25.02 3.30 13.14
N GLU A 678 26.09 2.54 13.35
CA GLU A 678 27.20 2.50 12.42
C GLU A 678 26.79 1.64 11.23
N ASN A 679 27.32 1.98 10.07
CA ASN A 679 27.15 1.19 8.86
C ASN A 679 28.41 0.33 8.70
N PRO A 680 28.28 -1.00 8.91
CA PRO A 680 29.45 -1.86 8.87
C PRO A 680 29.90 -2.26 7.45
N ASP A 681 29.31 -1.67 6.42
CA ASP A 681 29.72 -1.93 5.03
C ASP A 681 31.15 -1.43 4.84
N ILE A 682 31.96 -2.21 4.10
CA ILE A 682 33.40 -1.93 3.97
C ILE A 682 33.66 -0.54 3.41
N MET A 683 32.81 -0.10 2.49
CA MET A 683 32.93 1.22 1.84
C MET A 683 31.79 2.17 2.26
N SER A 684 31.48 2.17 3.55
CA SER A 684 30.36 2.97 4.09
C SER A 684 30.57 4.47 3.90
N GLU A 685 31.82 4.92 4.01
CA GLU A 685 32.21 6.31 3.71
C GLU A 685 31.63 6.91 2.42
N LEU A 686 31.40 6.08 1.41
CA LEU A 686 30.90 6.54 0.10
C LEU A 686 29.40 6.84 0.08
N LEU A 687 28.58 6.01 0.73
CA LEU A 687 27.13 6.25 0.83
C LEU A 687 26.83 7.08 2.09
N PHE A 688 26.99 6.46 3.27
CA PHE A 688 26.91 7.18 4.54
C PHE A 688 27.50 6.33 5.67
N GLN A 689 28.35 6.95 6.49
CA GLN A 689 29.02 6.26 7.60
C GLN A 689 28.05 5.89 8.72
N ASN A 690 27.05 6.74 8.96
CA ASN A 690 26.05 6.53 10.01
C ASN A 690 24.64 6.42 9.45
N ASN A 691 23.89 5.44 9.95
CA ASN A 691 22.49 5.27 9.61
C ASN A 691 21.65 5.62 10.83
N GLU A 692 20.86 6.69 10.73
CA GLU A 692 20.10 7.20 11.88
C GLU A 692 18.60 7.30 11.62
N ILE A 693 17.82 6.78 12.58
CA ILE A 693 16.38 6.50 12.43
C ILE A 693 15.66 6.95 13.69
N ILE A 694 14.49 7.58 13.52
CA ILE A 694 13.62 7.96 14.64
C ILE A 694 12.64 6.82 14.88
N PHE A 695 12.66 6.25 16.09
CA PHE A 695 11.69 5.22 16.52
C PHE A 695 10.64 5.92 17.36
N LYS A 696 9.37 5.74 17.01
CA LYS A 696 8.26 6.39 17.70
C LYS A 696 7.23 5.37 18.19
N ASN A 697 6.86 5.49 19.48
CA ASN A 697 5.94 4.56 20.15
C ASN A 697 4.84 5.33 20.87
N GLY A 698 3.70 5.50 20.19
CA GLY A 698 2.59 6.27 20.73
C GLY A 698 1.58 6.76 19.70
N ASP A 699 2.08 7.15 18.53
CA ASP A 699 1.25 7.75 17.48
C ASP A 699 1.12 6.85 16.25
N ASP A 700 -0.02 6.98 15.57
CA ASP A 700 -0.32 6.23 14.36
C ASP A 700 0.46 6.83 13.19
N LEU A 701 1.40 6.07 12.63
CA LEU A 701 2.23 6.53 11.49
C LEU A 701 1.72 6.05 10.12
N ARG A 702 0.53 5.46 10.08
CA ARG A 702 -0.05 4.99 8.82
C ARG A 702 -0.42 6.13 7.87
N GLN A 703 -0.86 7.26 8.42
CA GLN A 703 -1.21 8.43 7.62
C GLN A 703 0.03 9.02 6.96
N ASP A 704 1.07 9.25 7.75
CA ASP A 704 2.37 9.69 7.23
C ASP A 704 2.92 8.75 6.16
N MET A 705 2.81 7.46 6.41
CA MET A 705 3.22 6.41 5.46
C MET A 705 2.48 6.50 4.12
N LEU A 706 1.16 6.74 4.15
CA LEU A 706 0.36 6.90 2.92
C LEU A 706 0.68 8.19 2.16
N THR A 707 0.84 9.29 2.89
CA THR A 707 1.18 10.60 2.31
C THR A 707 2.54 10.59 1.61
N LEU A 708 3.50 9.84 2.18
CA LEU A 708 4.86 9.75 1.61
C LEU A 708 4.88 8.84 0.38
N GLN A 709 4.08 7.78 0.39
CA GLN A 709 3.87 6.96 -0.82
C GLN A 709 3.41 7.86 -1.97
N ILE A 710 2.36 8.64 -1.72
CA ILE A 710 1.74 9.52 -2.73
C ILE A 710 2.68 10.60 -3.27
N ILE A 711 3.46 11.22 -2.38
CA ILE A 711 4.46 12.23 -2.77
C ILE A 711 5.45 11.66 -3.78
N ARG A 712 5.93 10.43 -3.53
CA ARG A 712 6.83 9.72 -4.47
C ARG A 712 6.17 9.49 -5.83
N ILE A 713 4.89 9.09 -5.83
CA ILE A 713 4.14 8.86 -7.08
C ILE A 713 3.97 10.17 -7.86
N MET A 714 3.45 11.19 -7.17
CA MET A 714 3.33 12.54 -7.74
C MET A 714 4.63 13.00 -8.38
N GLU A 715 5.75 12.76 -7.70
CA GLU A 715 7.05 13.13 -8.23
C GLU A 715 7.39 12.35 -9.49
N ASN A 716 7.17 11.03 -9.47
CA ASN A 716 7.39 10.17 -10.65
C ASN A 716 6.61 10.67 -11.86
N ILE A 717 5.34 11.03 -11.61
CA ILE A 717 4.45 11.61 -12.63
C ILE A 717 5.05 12.87 -13.25
N TRP A 718 5.56 13.77 -12.40
CA TRP A 718 6.17 15.02 -12.86
C TRP A 718 7.45 14.79 -13.60
N GLN A 719 8.29 13.90 -13.07
CA GLN A 719 9.59 13.58 -13.67
C GLN A 719 9.44 12.90 -15.04
N ASN A 720 8.43 12.02 -15.15
CA ASN A 720 8.02 11.44 -16.44
C ASN A 720 7.41 12.48 -17.40
N GLN A 721 6.65 13.44 -16.84
CA GLN A 721 6.05 14.55 -17.61
C GLN A 721 7.05 15.67 -17.97
N GLY A 722 8.30 15.56 -17.53
CA GLY A 722 9.38 16.42 -18.02
C GLY A 722 9.75 17.64 -17.18
N LEU A 723 9.01 17.91 -16.10
CA LEU A 723 9.34 19.01 -15.18
C LEU A 723 9.91 18.45 -13.86
N ASP A 724 11.08 18.98 -13.48
CA ASP A 724 11.86 18.46 -12.36
C ASP A 724 11.52 19.22 -11.09
N LEU A 725 10.50 18.74 -10.37
CA LEU A 725 10.17 19.23 -9.04
C LEU A 725 10.60 18.17 -8.02
N ARG A 726 11.79 18.33 -7.46
CA ARG A 726 12.37 17.32 -6.57
C ARG A 726 11.67 17.31 -5.21
N MET A 727 10.94 16.23 -4.95
CA MET A 727 10.31 15.97 -3.65
C MET A 727 11.26 15.16 -2.77
N LEU A 728 10.82 14.82 -1.57
CA LEU A 728 11.62 14.03 -0.64
C LEU A 728 10.74 13.06 0.15
N PRO A 729 10.40 11.91 -0.45
CA PRO A 729 9.64 10.87 0.22
C PRO A 729 10.56 9.93 1.01
N TYR A 730 11.05 10.42 2.13
CA TYR A 730 11.87 9.65 3.07
C TYR A 730 11.12 8.42 3.59
N GLY A 731 11.87 7.47 4.14
CA GLY A 731 11.31 6.22 4.63
C GLY A 731 10.43 6.41 5.84
N CYS A 732 9.26 5.78 5.83
CA CYS A 732 8.40 5.69 7.00
C CYS A 732 7.67 4.36 7.00
N LEU A 733 7.72 3.64 8.12
CA LEU A 733 7.12 2.31 8.21
C LEU A 733 6.45 2.10 9.56
N SER A 734 5.19 1.68 9.51
CA SER A 734 4.45 1.25 10.70
C SER A 734 4.74 -0.24 10.93
N ILE A 735 5.07 -0.59 12.15
CA ILE A 735 5.46 -1.96 12.51
C ILE A 735 4.54 -2.57 13.59
N GLY A 736 3.44 -1.90 13.88
CA GLY A 736 2.56 -2.29 14.99
C GLY A 736 1.48 -1.27 15.32
N ASP A 737 0.80 -1.51 16.44
CA ASP A 737 -0.23 -0.61 16.94
C ASP A 737 0.38 0.71 17.42
N CYS A 738 0.43 1.69 16.52
CA CYS A 738 1.00 3.02 16.80
C CYS A 738 2.47 2.96 17.23
N VAL A 739 3.23 2.11 16.52
CA VAL A 739 4.69 2.01 16.66
C VAL A 739 5.27 2.13 15.25
N GLY A 740 6.40 2.82 15.09
CA GLY A 740 6.97 2.96 13.75
C GLY A 740 8.32 3.63 13.66
N LEU A 741 8.90 3.57 12.47
CA LEU A 741 10.24 4.04 12.18
C LEU A 741 10.21 5.13 11.11
N ILE A 742 10.98 6.19 11.31
CA ILE A 742 11.10 7.28 10.34
C ILE A 742 12.56 7.45 9.94
N GLU A 743 12.83 7.54 8.65
CA GLU A 743 14.19 7.81 8.16
C GLU A 743 14.57 9.22 8.56
N VAL A 744 15.81 9.40 9.00
CA VAL A 744 16.35 10.75 9.16
C VAL A 744 17.05 11.14 7.87
N VAL A 745 16.71 12.30 7.34
CA VAL A 745 17.40 12.87 6.18
C VAL A 745 18.60 13.61 6.74
N ARG A 746 19.81 13.17 6.38
CA ARG A 746 21.04 13.78 6.88
C ARG A 746 21.16 15.22 6.37
N ASN A 747 21.74 16.09 7.19
CA ASN A 747 22.01 17.49 6.84
C ASN A 747 20.72 18.29 6.57
N SER A 748 19.76 18.18 7.50
CA SER A 748 18.47 18.86 7.41
C SER A 748 18.06 19.48 8.74
N HIS A 749 17.41 20.65 8.68
CA HIS A 749 16.99 21.40 9.87
C HIS A 749 15.66 22.05 9.62
N THR A 750 14.81 22.12 10.66
CA THR A 750 13.51 22.81 10.53
C THR A 750 13.76 24.30 10.35
N ILE A 751 12.71 25.06 10.05
CA ILE A 751 12.85 26.51 9.83
C ILE A 751 13.20 27.23 11.14
N MET A 752 12.57 26.81 12.24
CA MET A 752 12.89 27.37 13.57
C MET A 752 14.33 27.10 13.98
N GLN A 753 14.85 25.92 13.64
CA GLN A 753 16.27 25.61 13.85
C GLN A 753 17.19 26.59 13.14
N ILE A 754 16.84 26.94 11.89
CA ILE A 754 17.59 27.95 11.14
C ILE A 754 17.43 29.35 11.78
N GLN A 755 16.22 29.66 12.25
CA GLN A 755 15.93 30.98 12.86
C GLN A 755 16.61 31.17 14.21
N CYS A 756 16.56 30.15 15.07
CA CYS A 756 17.26 30.19 16.37
C CYS A 756 18.77 30.17 16.20
N LYS A 757 19.29 29.15 15.52
CA LYS A 757 20.72 29.07 15.18
C LYS A 757 21.03 30.11 14.09
N GLY A 758 21.12 31.35 14.54
CA GLY A 758 21.08 32.54 13.67
C GLY A 758 20.14 33.60 14.23
N GLY A 759 20.27 33.85 15.53
CA GLY A 759 19.34 34.70 16.27
C GLY A 759 19.93 35.00 17.63
N LEU A 760 20.17 36.27 17.90
CA LEU A 760 20.91 36.69 19.09
C LEU A 760 20.01 36.57 20.33
N LYS A 761 20.61 36.23 21.48
CA LYS A 761 19.89 36.05 22.74
C LYS A 761 19.40 37.37 23.31
N GLY A 762 18.13 37.40 23.74
CA GLY A 762 17.46 38.64 24.13
C GLY A 762 16.47 39.09 23.07
N ALA A 763 16.89 39.01 21.81
CA ALA A 763 16.06 39.40 20.66
C ALA A 763 14.92 38.43 20.43
N LEU A 764 14.05 38.80 19.49
CA LEU A 764 12.93 37.96 19.06
C LEU A 764 13.34 37.11 17.85
N GLN A 765 12.71 35.94 17.67
CA GLN A 765 13.00 35.03 16.55
C GLN A 765 12.40 35.47 15.20
N PHE A 766 11.50 36.46 15.21
CA PHE A 766 10.90 37.01 14.00
C PHE A 766 11.88 37.86 13.16
N ASN A 767 12.62 37.18 12.28
CA ASN A 767 13.44 37.83 11.25
C ASN A 767 13.43 36.96 9.98
N SER A 768 12.76 37.45 8.94
CA SER A 768 12.42 36.63 7.77
C SER A 768 13.57 36.37 6.79
N HIS A 769 14.47 37.33 6.65
CA HIS A 769 15.67 37.18 5.81
C HIS A 769 16.66 36.15 6.33
N THR A 770 16.61 35.84 7.62
CA THR A 770 17.53 34.86 8.26
C THR A 770 17.62 33.51 7.55
N LEU A 771 16.50 33.03 7.00
CA LEU A 771 16.48 31.81 6.17
C LEU A 771 17.24 31.98 4.85
N HIS A 772 17.05 33.12 4.20
CA HIS A 772 17.74 33.42 2.94
C HIS A 772 19.22 33.55 3.11
N GLN A 773 19.64 34.20 4.21
CA GLN A 773 21.06 34.35 4.55
C GLN A 773 21.72 33.00 4.85
N TRP A 774 21.01 32.13 5.56
CA TRP A 774 21.50 30.78 5.87
C TRP A 774 21.81 29.99 4.64
N LEU A 775 20.89 29.99 3.68
CA LEU A 775 21.10 29.37 2.36
C LEU A 775 22.24 30.06 1.58
N LYS A 776 22.35 31.38 1.71
CA LYS A 776 23.46 32.13 1.09
C LYS A 776 24.82 31.78 1.70
N ASP A 777 24.85 31.59 3.01
CA ASP A 777 26.08 31.20 3.72
C ASP A 777 26.51 29.75 3.42
N LYS A 778 25.53 28.85 3.30
CA LYS A 778 25.79 27.45 2.94
C LYS A 778 26.16 27.26 1.46
N ASN A 779 25.57 28.07 0.58
CA ASN A 779 25.73 27.94 -0.87
C ASN A 779 26.36 29.18 -1.49
N LYS A 780 27.61 29.46 -1.11
CA LYS A 780 28.35 30.62 -1.61
C LYS A 780 28.80 30.45 -3.06
N GLY A 781 29.06 31.58 -3.72
CA GLY A 781 29.65 31.59 -5.07
C GLY A 781 28.68 31.20 -6.18
N GLU A 782 29.20 30.51 -7.19
CA GLU A 782 28.41 30.05 -8.34
C GLU A 782 27.39 28.93 -8.01
N ILE A 783 27.57 28.29 -6.85
CA ILE A 783 26.61 27.29 -6.33
C ILE A 783 25.25 27.92 -5.98
N TYR A 784 25.25 29.19 -5.57
CA TYR A 784 24.05 29.92 -5.12
C TYR A 784 22.77 29.71 -5.95
N ASP A 785 22.90 29.85 -7.27
CA ASP A 785 21.75 29.73 -8.19
C ASP A 785 21.09 28.36 -8.11
N ALA A 786 21.90 27.30 -8.10
CA ALA A 786 21.43 25.92 -7.96
C ALA A 786 20.60 25.70 -6.67
N ALA A 787 20.99 26.40 -5.60
CA ALA A 787 20.28 26.32 -4.32
C ALA A 787 18.90 26.96 -4.40
N ILE A 788 18.85 28.19 -4.92
CA ILE A 788 17.59 28.90 -5.16
C ILE A 788 16.69 28.15 -6.15
N ASP A 789 17.31 27.58 -7.19
CA ASP A 789 16.60 26.79 -8.21
C ASP A 789 15.96 25.53 -7.63
N LEU A 790 16.75 24.77 -6.85
CA LEU A 790 16.25 23.58 -6.15
C LEU A 790 15.26 23.93 -5.05
N PHE A 791 15.44 25.10 -4.42
CA PHE A 791 14.52 25.58 -3.39
C PHE A 791 13.15 25.92 -3.92
N THR A 792 13.11 26.64 -5.04
CA THR A 792 11.85 26.98 -5.70
C THR A 792 11.12 25.72 -6.19
N ARG A 793 11.84 24.90 -6.95
CA ARG A 793 11.28 23.67 -7.53
C ARG A 793 10.69 22.75 -6.46
N SER A 794 11.45 22.49 -5.40
CA SER A 794 10.99 21.65 -4.29
C SER A 794 9.81 22.27 -3.54
N CYS A 795 9.81 23.59 -3.40
CA CYS A 795 8.75 24.32 -2.71
C CYS A 795 7.46 24.31 -3.52
N ALA A 796 7.58 24.53 -4.82
CA ALA A 796 6.45 24.47 -5.74
C ALA A 796 5.76 23.10 -5.72
N GLY A 797 6.56 22.05 -5.52
CA GLY A 797 6.05 20.68 -5.44
C GLY A 797 5.26 20.44 -4.17
N TYR A 798 5.85 20.77 -3.02
CA TYR A 798 5.17 20.60 -1.72
C TYR A 798 4.00 21.59 -1.55
N CYS A 799 4.00 22.70 -2.29
CA CYS A 799 2.84 23.59 -2.39
C CYS A 799 1.68 22.85 -3.04
N VAL A 800 1.92 22.35 -4.25
CA VAL A 800 0.90 21.62 -5.01
C VAL A 800 0.43 20.37 -4.27
N ALA A 801 1.36 19.58 -3.74
CA ALA A 801 1.04 18.33 -3.06
C ALA A 801 0.18 18.51 -1.81
N THR A 802 0.59 19.44 -0.94
CA THR A 802 -0.13 19.70 0.31
C THR A 802 -1.54 20.27 0.09
N PHE A 803 -1.66 21.20 -0.85
CA PHE A 803 -2.96 21.79 -1.21
C PHE A 803 -3.97 20.72 -1.62
N ILE A 804 -3.53 19.84 -2.55
CA ILE A 804 -4.36 18.76 -3.10
C ILE A 804 -4.81 17.80 -2.01
N LEU A 805 -3.84 17.27 -1.27
CA LEU A 805 -4.10 16.26 -0.23
C LEU A 805 -4.72 16.83 1.05
N GLY A 806 -4.67 18.15 1.24
CA GLY A 806 -5.28 18.81 2.40
C GLY A 806 -4.58 18.43 3.69
N ILE A 807 -3.26 18.56 3.69
CA ILE A 807 -2.39 18.12 4.80
C ILE A 807 -2.58 19.05 6.01
N GLY A 808 -2.23 18.55 7.20
CA GLY A 808 -2.21 19.38 8.42
C GLY A 808 -1.35 20.63 8.26
N ASP A 809 -1.79 21.73 8.88
CA ASP A 809 -1.19 23.05 8.64
C ASP A 809 0.31 23.08 9.00
N ARG A 810 1.06 23.88 8.24
CA ARG A 810 2.52 23.95 8.31
C ARG A 810 3.04 25.00 9.30
N HIS A 811 3.72 24.54 10.35
CA HIS A 811 4.53 25.41 11.22
C HIS A 811 5.89 25.62 10.59
N ASN A 812 6.70 26.44 11.27
CA ASN A 812 8.14 26.51 11.01
C ASN A 812 8.87 25.25 11.50
N SER A 813 8.30 24.58 12.50
CA SER A 813 8.78 23.26 12.96
C SER A 813 8.43 22.06 12.03
N ASN A 814 7.43 22.24 11.16
CA ASN A 814 6.96 21.18 10.22
C ASN A 814 7.71 21.15 8.89
N ILE A 815 8.32 22.26 8.51
CA ILE A 815 8.96 22.43 7.21
C ILE A 815 10.46 22.34 7.45
N MET A 816 11.16 21.66 6.54
CA MET A 816 12.62 21.49 6.66
C MET A 816 13.31 21.84 5.35
N VAL A 817 14.63 21.99 5.43
CA VAL A 817 15.45 22.48 4.32
C VAL A 817 16.82 21.84 4.43
N LYS A 818 17.26 21.14 3.38
CA LYS A 818 18.64 20.63 3.34
C LYS A 818 19.63 21.76 3.12
N ASP A 819 20.91 21.49 3.36
CA ASP A 819 21.97 22.50 3.18
C ASP A 819 22.16 22.94 1.72
N ASP A 820 21.83 22.07 0.77
CA ASP A 820 21.89 22.42 -0.66
C ASP A 820 20.64 23.17 -1.16
N GLY A 821 19.68 23.41 -0.28
CA GLY A 821 18.50 24.24 -0.55
C GLY A 821 17.22 23.49 -0.84
N GLN A 822 17.19 22.18 -0.59
CA GLN A 822 16.04 21.34 -0.92
C GLN A 822 15.01 21.37 0.21
N LEU A 823 13.86 21.98 -0.05
CA LEU A 823 12.78 22.09 0.94
C LEU A 823 11.94 20.82 0.97
N PHE A 824 11.45 20.46 2.16
CA PHE A 824 10.52 19.34 2.33
C PHE A 824 9.75 19.41 3.65
N HIS A 825 8.73 18.58 3.77
CA HIS A 825 7.81 18.60 4.91
C HIS A 825 7.91 17.33 5.71
N ILE A 826 7.66 17.39 7.02
CA ILE A 826 7.84 16.21 7.89
C ILE A 826 6.59 15.63 8.54
N ASP A 827 5.95 16.34 9.46
CA ASP A 827 4.90 15.72 10.27
C ASP A 827 3.56 15.88 9.55
N PHE A 828 3.28 14.94 8.65
CA PHE A 828 2.02 14.91 7.91
C PHE A 828 0.97 14.28 8.82
N GLY A 829 0.28 15.12 9.57
CA GLY A 829 -0.58 14.65 10.65
C GLY A 829 -1.82 13.96 10.13
N HIS A 830 -2.67 14.73 9.46
CA HIS A 830 -3.93 14.25 8.89
C HIS A 830 -4.02 14.64 7.44
N PHE A 831 -5.05 14.13 6.77
CA PHE A 831 -5.35 14.53 5.38
C PHE A 831 -6.86 14.56 5.11
N LEU A 832 -7.22 15.29 4.05
CA LEU A 832 -8.59 15.32 3.49
C LEU A 832 -9.65 16.16 4.23
N ASP A 833 -9.34 16.69 5.42
CA ASP A 833 -10.25 17.64 6.10
C ASP A 833 -9.54 18.39 7.22
N ARG A 843 -13.66 27.56 0.98
CA ARG A 843 -13.51 27.01 2.32
C ARG A 843 -12.29 26.09 2.49
N GLU A 844 -11.95 25.32 1.44
CA GLU A 844 -10.87 24.33 1.50
C GLU A 844 -9.49 24.96 1.71
N ARG A 845 -8.68 24.29 2.54
CA ARG A 845 -7.47 24.89 3.12
C ARG A 845 -6.25 24.80 2.20
N VAL A 846 -5.44 25.86 2.23
CA VAL A 846 -4.03 25.80 1.85
C VAL A 846 -3.28 25.46 3.15
N PRO A 847 -2.66 24.25 3.24
CA PRO A 847 -1.85 23.95 4.43
C PRO A 847 -0.53 24.71 4.51
N PHE A 848 0.07 24.95 3.34
CA PHE A 848 1.43 25.48 3.22
C PHE A 848 1.37 26.90 2.68
N VAL A 849 1.03 27.84 3.57
CA VAL A 849 0.90 29.26 3.21
C VAL A 849 2.28 29.90 3.08
N LEU A 850 2.62 30.33 1.86
CA LEU A 850 3.95 30.88 1.57
C LEU A 850 4.17 32.22 2.27
N THR A 851 4.76 32.17 3.46
CA THR A 851 5.14 33.37 4.20
C THR A 851 6.36 34.03 3.57
N GLN A 852 6.61 35.29 3.95
CA GLN A 852 7.68 36.11 3.37
C GLN A 852 9.03 35.39 3.28
N ASP A 853 9.42 34.73 4.37
CA ASP A 853 10.70 33.98 4.47
C ASP A 853 11.01 33.18 3.21
N PHE A 854 10.03 32.37 2.80
CA PHE A 854 10.16 31.49 1.63
C PHE A 854 10.12 32.27 0.31
N LEU A 855 9.25 33.28 0.27
CA LEU A 855 9.09 34.13 -0.92
C LEU A 855 10.31 34.99 -1.23
N ILE A 856 11.04 35.41 -0.19
CA ILE A 856 12.30 36.17 -0.36
C ILE A 856 13.42 35.31 -0.95
N VAL A 857 13.40 34.01 -0.64
CA VAL A 857 14.38 33.05 -1.17
C VAL A 857 14.17 32.77 -2.67
N ILE A 858 12.92 32.78 -3.12
CA ILE A 858 12.60 32.66 -4.54
C ILE A 858 13.18 33.84 -5.32
N SER A 859 13.05 35.05 -4.76
CA SER A 859 13.65 36.27 -5.33
C SER A 859 15.03 36.54 -4.75
N CYS A 865 9.55 41.02 -3.78
CA CYS A 865 9.77 39.60 -4.06
C CYS A 865 8.62 38.94 -4.84
N THR A 866 7.38 39.41 -4.60
CA THR A 866 6.19 38.93 -5.34
C THR A 866 6.24 39.34 -6.81
N LYS A 867 6.37 40.64 -7.06
CA LYS A 867 6.44 41.19 -8.41
C LYS A 867 7.86 41.05 -8.99
N THR A 868 8.19 39.82 -9.42
CA THR A 868 9.49 39.51 -10.02
C THR A 868 9.35 38.41 -11.08
N ARG A 869 10.36 38.29 -11.94
CA ARG A 869 10.44 37.19 -12.91
C ARG A 869 10.64 35.84 -12.23
N GLU A 870 11.27 35.85 -11.05
CA GLU A 870 11.51 34.63 -10.27
C GLU A 870 10.24 34.00 -9.68
N PHE A 871 9.30 34.82 -9.23
CA PHE A 871 8.02 34.33 -8.68
C PHE A 871 7.01 33.95 -9.76
N GLU A 872 7.07 34.60 -10.92
CA GLU A 872 6.23 34.26 -12.07
C GLU A 872 6.56 32.86 -12.59
N ARG A 873 7.86 32.58 -12.75
CA ARG A 873 8.33 31.25 -13.15
C ARG A 873 7.97 30.17 -12.12
N PHE A 874 8.08 30.52 -10.84
CA PHE A 874 7.65 29.64 -9.73
C PHE A 874 6.14 29.38 -9.73
N GLN A 875 5.35 30.39 -10.05
CA GLN A 875 3.90 30.22 -10.24
C GLN A 875 3.59 29.29 -11.43
N GLU A 876 4.34 29.46 -12.52
CA GLU A 876 4.22 28.59 -13.70
C GLU A 876 4.63 27.14 -13.44
N MET A 877 5.54 26.92 -12.48
CA MET A 877 5.87 25.55 -12.02
C MET A 877 4.68 24.92 -11.29
N CYS A 878 4.12 25.68 -10.36
CA CYS A 878 2.97 25.22 -9.56
C CYS A 878 1.76 24.91 -10.44
N TYR A 879 1.49 25.77 -11.42
CA TYR A 879 0.32 25.62 -12.29
C TYR A 879 0.44 24.34 -13.12
N LYS A 880 1.54 24.21 -13.86
CA LYS A 880 1.81 23.01 -14.67
C LYS A 880 1.86 21.73 -13.81
N ALA A 881 2.35 21.85 -12.58
CA ALA A 881 2.39 20.73 -11.62
C ALA A 881 0.99 20.23 -11.27
N TYR A 882 0.14 21.16 -10.87
CA TYR A 882 -1.26 20.88 -10.50
C TYR A 882 -2.06 20.16 -11.59
N LEU A 883 -1.80 20.52 -12.85
CA LEU A 883 -2.46 19.90 -14.00
C LEU A 883 -2.10 18.43 -14.15
N ALA A 884 -0.80 18.13 -14.05
CA ALA A 884 -0.29 16.76 -14.16
C ALA A 884 -1.01 15.79 -13.21
N ILE A 885 -1.25 16.22 -11.98
CA ILE A 885 -1.94 15.38 -10.99
C ILE A 885 -3.43 15.24 -11.31
N ARG A 886 -4.02 16.30 -11.89
CA ARG A 886 -5.44 16.25 -12.30
C ARG A 886 -5.66 15.12 -13.32
N GLN A 887 -4.81 15.10 -14.35
CA GLN A 887 -4.82 14.05 -15.38
C GLN A 887 -4.72 12.61 -14.83
N HIS A 888 -4.03 12.45 -13.70
CA HIS A 888 -3.91 11.16 -13.01
C HIS A 888 -4.78 11.08 -11.77
N ALA A 889 -5.88 11.85 -11.73
CA ALA A 889 -6.77 11.90 -10.55
C ALA A 889 -7.29 10.52 -10.13
N ASN A 890 -7.66 9.71 -11.12
CA ASN A 890 -8.22 8.37 -10.86
C ASN A 890 -7.31 7.46 -10.05
N LEU A 891 -6.00 7.55 -10.32
CA LEU A 891 -5.00 6.77 -9.59
C LEU A 891 -5.04 7.05 -8.09
N PHE A 892 -4.95 8.34 -7.75
CA PHE A 892 -4.93 8.76 -6.34
C PHE A 892 -6.27 8.51 -5.66
N ILE A 893 -7.36 8.75 -6.39
CA ILE A 893 -8.71 8.40 -5.91
C ILE A 893 -8.81 6.90 -5.61
N ASN A 894 -8.30 6.08 -6.53
CA ASN A 894 -8.27 4.62 -6.34
C ASN A 894 -7.34 4.19 -5.20
N LEU A 895 -6.18 4.83 -5.07
CA LEU A 895 -5.23 4.54 -3.98
C LEU A 895 -5.86 4.75 -2.60
N PHE A 896 -6.57 5.86 -2.43
CA PHE A 896 -7.27 6.13 -1.18
C PHE A 896 -8.45 5.19 -0.94
N SER A 897 -9.13 4.79 -2.02
CA SER A 897 -10.30 3.93 -1.91
C SER A 897 -9.95 2.51 -1.45
N MET A 898 -8.83 1.98 -1.95
CA MET A 898 -8.29 0.70 -1.47
C MET A 898 -7.91 0.69 0.02
N MET A 899 -7.80 1.89 0.59
CA MET A 899 -7.31 2.09 1.95
C MET A 899 -8.42 2.28 3.00
N LEU A 900 -9.69 2.18 2.62
CA LEU A 900 -10.80 2.34 3.57
C LEU A 900 -10.90 1.19 4.60
N GLY A 901 -10.39 0.02 4.24
CA GLY A 901 -10.34 -1.14 5.14
C GLY A 901 -9.42 -0.92 6.33
N SER A 902 -8.38 -0.11 6.15
CA SER A 902 -7.54 0.34 7.25
C SER A 902 -8.37 1.22 8.19
N GLY A 903 -8.13 1.09 9.49
CA GLY A 903 -8.84 1.90 10.48
C GLY A 903 -8.28 3.31 10.64
N MET A 904 -7.81 3.94 9.55
CA MET A 904 -7.33 5.31 9.59
C MET A 904 -8.54 6.21 9.78
N PRO A 905 -8.53 7.06 10.83
CA PRO A 905 -9.72 7.84 11.21
C PRO A 905 -10.15 8.85 10.14
N GLU A 906 -9.19 9.40 9.40
CA GLU A 906 -9.44 10.38 8.35
C GLU A 906 -9.88 9.78 7.01
N LEU A 907 -10.28 8.51 7.00
CA LEU A 907 -10.48 7.76 5.75
C LEU A 907 -11.37 6.53 6.03
N GLN A 908 -12.62 6.83 6.41
CA GLN A 908 -13.62 5.82 6.80
C GLN A 908 -14.71 5.65 5.74
N SER A 909 -15.19 6.76 5.18
CA SER A 909 -16.19 6.77 4.11
C SER A 909 -15.61 7.35 2.81
N PHE A 910 -16.26 7.02 1.69
CA PHE A 910 -15.89 7.60 0.38
C PHE A 910 -15.98 9.12 0.37
N ASP A 911 -16.91 9.67 1.16
CA ASP A 911 -17.04 11.12 1.36
C ASP A 911 -15.72 11.81 1.75
N ASP A 912 -14.88 11.11 2.52
CA ASP A 912 -13.54 11.61 2.87
C ASP A 912 -12.66 11.80 1.64
N ILE A 913 -12.74 10.86 0.70
CA ILE A 913 -11.91 10.88 -0.51
C ILE A 913 -12.34 11.98 -1.49
N ALA A 914 -13.62 12.36 -1.40
CA ALA A 914 -14.23 13.41 -2.23
C ALA A 914 -13.51 14.77 -2.17
N TYR A 915 -12.86 15.05 -1.04
CA TYR A 915 -12.02 16.26 -0.91
C TYR A 915 -11.04 16.44 -2.08
N ILE A 916 -10.45 15.33 -2.56
CA ILE A 916 -9.57 15.35 -3.73
C ILE A 916 -10.31 15.79 -5.01
N ARG A 917 -11.56 15.37 -5.16
CA ARG A 917 -12.41 15.84 -6.28
C ARG A 917 -12.65 17.37 -6.24
N LYS A 918 -12.64 17.96 -5.04
CA LYS A 918 -12.79 19.42 -4.88
C LYS A 918 -11.48 20.15 -5.15
N THR A 919 -10.39 19.67 -4.58
CA THR A 919 -9.08 20.33 -4.72
C THR A 919 -8.51 20.21 -6.14
N LEU A 920 -8.63 19.01 -6.73
CA LEU A 920 -8.24 18.80 -8.14
C LEU A 920 -9.27 19.38 -9.12
N ALA A 921 -10.50 19.63 -8.65
CA ALA A 921 -11.56 20.32 -9.44
C ALA A 921 -11.92 19.54 -10.72
N LEU A 922 -12.40 18.32 -10.52
CA LEU A 922 -12.59 17.37 -11.62
C LEU A 922 -13.83 17.67 -12.45
N ASP A 923 -14.94 17.96 -11.78
CA ASP A 923 -16.22 18.26 -12.47
C ASP A 923 -16.24 19.59 -13.23
N LYS A 924 -15.29 20.47 -12.94
CA LYS A 924 -15.05 21.69 -13.73
C LYS A 924 -14.16 21.37 -14.95
N THR A 925 -13.94 22.38 -15.79
CA THR A 925 -13.01 22.28 -16.93
C THR A 925 -11.57 22.52 -16.50
N GLU A 926 -10.63 22.21 -17.40
CA GLU A 926 -9.19 22.29 -17.10
C GLU A 926 -8.71 23.74 -16.95
N GLN A 927 -9.14 24.63 -17.84
CA GLN A 927 -8.79 26.05 -17.74
C GLN A 927 -9.42 26.71 -16.51
N GLU A 928 -10.67 26.34 -16.23
CA GLU A 928 -11.37 26.80 -15.02
C GLU A 928 -10.79 26.17 -13.74
N ALA A 929 -10.21 24.98 -13.86
CA ALA A 929 -9.52 24.31 -12.74
C ALA A 929 -8.20 25.00 -12.36
N LEU A 930 -7.43 25.42 -13.36
CA LEU A 930 -6.22 26.24 -13.14
C LEU A 930 -6.57 27.58 -12.49
N GLU A 931 -7.68 28.18 -12.93
CA GLU A 931 -8.22 29.42 -12.34
C GLU A 931 -8.66 29.24 -10.89
N TYR A 932 -9.24 28.09 -10.56
CA TYR A 932 -9.62 27.74 -9.18
C TYR A 932 -8.38 27.75 -8.28
N PHE A 933 -7.34 27.06 -8.72
CA PHE A 933 -6.07 26.96 -7.99
C PHE A 933 -5.43 28.34 -7.76
N MET A 934 -5.41 29.19 -8.79
CA MET A 934 -4.95 30.58 -8.67
C MET A 934 -5.68 31.34 -7.55
N LYS A 935 -6.99 31.12 -7.43
CA LYS A 935 -7.82 31.81 -6.44
C LYS A 935 -7.56 31.35 -5.00
N GLN A 936 -7.45 30.03 -4.81
CA GLN A 936 -7.18 29.45 -3.48
C GLN A 936 -5.83 29.90 -2.88
N MET A 937 -4.84 30.12 -3.75
CA MET A 937 -3.50 30.59 -3.34
C MET A 937 -3.42 32.08 -3.05
N ASN A 938 -4.08 32.89 -3.88
CA ASN A 938 -4.16 34.34 -3.67
C ASN A 938 -4.99 34.72 -2.43
N ASP A 939 -5.96 33.88 -2.06
CA ASP A 939 -6.67 34.01 -0.79
C ASP A 939 -5.71 33.83 0.39
N ALA A 940 -4.76 32.91 0.26
CA ALA A 940 -3.65 32.73 1.20
C ALA A 940 -4.13 32.29 2.59
#